data_2XVN
#
_entry.id   2XVN
#
_cell.length_a   99.985
_cell.length_b   99.985
_cell.length_c   111.301
_cell.angle_alpha   90.00
_cell.angle_beta   90.00
_cell.angle_gamma   120.00
#
_symmetry.space_group_name_H-M   'P 32'
#
loop_
_entity.id
_entity.type
_entity.pdbx_description
1 polymer 'ASPERGILLUS FUMIGATUS CHITINASE A1'
2 non-polymer 1-METHYL-3-(N-PHENYLCARBAMIMIDOYL)UREA
3 non-polymer 'CHLORIDE ION'
4 water water
#
_entity_poly.entity_id   1
_entity_poly.type   'polypeptide(L)'
_entity_poly.pdbx_seq_one_letter_code
;SNLAIYWGQGPNQLRLSHFCQETSLDIINIGFINYFPDMSPGHWPGSNFGNQCDGSVYVTNDGVVTKLLSGCHQIMEDIP
ICQAAGKKVLLSIGGAYPPDQSILSEDSAVAFATFLWGAFGPVAEGWEGPRPFGDVVVDGFDFDIEHNGGFGYATMVNTF
RQYFNQVPERKFYLSAAPQCIIPDAQLSDAIFNAAFDFIWIQYYNTAACSAKSFIDTSLGTFNFDAWVTVLKASASKDAK
LYVGLPASETAANQGYYLTPDEVESLVSTYMDRYPDTFGGIMLWEATASENNQIDGAPYADHMKDILLH
;
_entity_poly.pdbx_strand_id   A,B,C
#
# COMPACT_ATOMS: atom_id res chain seq x y z
N SER A 1 -16.92 -27.43 -16.81
CA SER A 1 -15.95 -26.48 -17.33
C SER A 1 -15.32 -25.57 -16.27
N ASN A 2 -14.11 -25.11 -16.55
CA ASN A 2 -13.26 -24.69 -15.47
C ASN A 2 -13.08 -23.19 -15.56
N LEU A 3 -12.81 -22.55 -14.43
CA LEU A 3 -12.53 -21.13 -14.45
C LEU A 3 -11.07 -20.89 -14.02
N ALA A 4 -10.26 -20.24 -14.87
CA ALA A 4 -8.85 -20.00 -14.57
C ALA A 4 -8.81 -18.52 -14.35
N ILE A 5 -7.87 -17.98 -13.55
CA ILE A 5 -7.73 -16.53 -13.41
C ILE A 5 -6.26 -16.18 -13.15
N TYR A 6 -5.92 -14.92 -13.39
CA TYR A 6 -4.59 -14.44 -13.14
C TYR A 6 -4.58 -13.68 -11.81
N TRP A 7 -3.48 -13.82 -11.08
CA TRP A 7 -3.28 -13.06 -9.86
C TRP A 7 -1.83 -12.67 -9.88
N GLY A 8 -1.48 -11.50 -9.36
CA GLY A 8 -0.06 -11.18 -9.18
C GLY A 8 0.29 -9.73 -9.48
N GLN A 9 -0.58 -9.13 -10.30
CA GLN A 9 -0.34 -7.84 -10.93
C GLN A 9 -1.52 -6.90 -10.75
N GLY A 10 -2.26 -7.12 -9.68
CA GLY A 10 -3.46 -6.31 -9.35
C GLY A 10 -3.15 -5.11 -8.46
N PRO A 11 -3.50 -3.89 -8.92
CA PRO A 11 -3.14 -2.70 -8.17
C PRO A 11 -3.75 -2.86 -6.80
N ASN A 12 -2.92 -2.76 -5.76
CA ASN A 12 -3.38 -2.94 -4.39
C ASN A 12 -3.90 -4.37 -4.11
N GLN A 13 -3.37 -5.40 -4.77
CA GLN A 13 -4.03 -6.71 -4.54
C GLN A 13 -4.11 -7.09 -3.07
N LEU A 14 -5.18 -7.78 -2.71
CA LEU A 14 -5.19 -8.59 -1.51
C LEU A 14 -4.28 -9.82 -1.79
N ARG A 15 -3.87 -10.49 -0.72
CA ARG A 15 -2.96 -11.62 -0.75
C ARG A 15 -3.66 -12.85 -1.34
N LEU A 16 -2.89 -13.77 -1.94
CA LEU A 16 -3.46 -14.91 -2.70
C LEU A 16 -4.41 -15.77 -1.87
N SER A 17 -4.23 -15.76 -0.54
CA SER A 17 -5.13 -16.56 0.34
C SER A 17 -6.55 -16.03 0.32
N HIS A 18 -6.77 -14.79 -0.17
CA HIS A 18 -8.14 -14.29 -0.31
C HIS A 18 -8.75 -15.08 -1.45
N PHE A 19 -7.98 -15.26 -2.52
CA PHE A 19 -8.51 -15.92 -3.72
C PHE A 19 -8.62 -17.44 -3.58
N CYS A 20 -7.69 -18.07 -2.88
CA CYS A 20 -7.80 -19.47 -2.41
C CYS A 20 -9.14 -19.84 -1.77
N GLN A 21 -9.75 -18.85 -1.12
CA GLN A 21 -11.06 -19.01 -0.50
C GLN A 21 -12.19 -18.75 -1.49
N GLU A 22 -11.87 -18.36 -2.74
CA GLU A 22 -12.98 -18.17 -3.72
C GLU A 22 -13.26 -19.48 -4.41
N THR A 23 -14.42 -20.02 -4.05
CA THR A 23 -14.81 -21.39 -4.34
C THR A 23 -14.99 -21.61 -5.85
N SER A 24 -15.42 -20.57 -6.55
CA SER A 24 -15.63 -20.62 -7.99
C SER A 24 -14.37 -20.91 -8.75
N LEU A 25 -13.22 -20.62 -8.15
CA LEU A 25 -11.98 -20.61 -8.95
C LEU A 25 -11.32 -21.96 -9.06
N ASP A 26 -10.96 -22.39 -10.26
CA ASP A 26 -10.42 -23.74 -10.30
C ASP A 26 -8.96 -23.75 -10.58
N ILE A 27 -8.47 -22.63 -11.20
CA ILE A 27 -7.03 -22.51 -11.60
C ILE A 27 -6.58 -21.10 -11.39
N ILE A 28 -5.37 -20.90 -10.86
CA ILE A 28 -4.89 -19.55 -10.61
C ILE A 28 -3.47 -19.54 -11.11
N ASN A 29 -3.22 -18.63 -12.06
CA ASN A 29 -1.95 -18.42 -12.68
C ASN A 29 -1.21 -17.23 -11.98
N ILE A 30 0.04 -17.44 -11.54
CA ILE A 30 0.71 -16.42 -10.73
C ILE A 30 1.70 -15.65 -11.60
N GLY A 31 1.47 -14.37 -11.81
CA GLY A 31 2.36 -13.63 -12.69
C GLY A 31 3.25 -12.64 -11.97
N PHE A 32 4.56 -12.62 -12.28
CA PHE A 32 5.20 -13.35 -13.42
C PHE A 32 6.69 -13.58 -13.23
N ILE A 33 7.25 -14.65 -13.79
CA ILE A 33 8.67 -14.67 -14.07
C ILE A 33 8.79 -13.80 -15.34
N ASN A 34 9.28 -12.57 -15.17
CA ASN A 34 9.24 -11.58 -16.25
C ASN A 34 10.60 -11.18 -16.81
N TYR A 35 11.66 -11.61 -16.10
CA TYR A 35 13.06 -11.44 -16.55
C TYR A 35 13.66 -12.80 -16.95
N PHE A 36 14.05 -12.94 -18.19
CA PHE A 36 14.51 -14.23 -18.69
C PHE A 36 16.03 -14.23 -18.51
N PRO A 37 16.65 -15.43 -18.38
CA PRO A 37 18.09 -15.56 -18.16
C PRO A 37 19.00 -14.87 -19.17
N ASP A 38 18.63 -14.82 -20.45
CA ASP A 38 19.59 -14.34 -21.49
C ASP A 38 19.99 -12.87 -21.35
N MET A 39 19.05 -12.02 -20.90
CA MET A 39 19.35 -10.63 -20.58
C MET A 39 19.21 -10.25 -19.07
N SER A 40 19.46 -11.17 -18.15
CA SER A 40 19.27 -10.79 -16.79
C SER A 40 20.50 -11.13 -15.98
N PRO A 41 20.82 -10.31 -14.98
CA PRO A 41 22.05 -10.45 -14.18
C PRO A 41 22.32 -11.92 -13.69
N GLY A 42 23.42 -12.57 -14.10
CA GLY A 42 23.73 -13.97 -13.66
C GLY A 42 23.13 -15.07 -14.53
N HIS A 43 22.46 -14.66 -15.62
CA HIS A 43 21.56 -15.59 -16.37
C HIS A 43 20.45 -16.20 -15.47
N TRP A 44 20.14 -15.56 -14.35
CA TRP A 44 19.00 -16.03 -13.49
C TRP A 44 17.65 -15.45 -13.99
N PRO A 45 16.55 -16.20 -13.92
CA PRO A 45 15.30 -15.43 -14.25
C PRO A 45 14.92 -14.55 -13.05
N GLY A 46 14.12 -13.50 -13.28
CA GLY A 46 13.75 -12.59 -12.25
C GLY A 46 12.23 -12.68 -12.20
N SER A 47 11.62 -12.07 -11.19
CA SER A 47 10.18 -12.19 -10.94
C SER A 47 9.62 -10.86 -10.50
N ASN A 48 8.31 -10.66 -10.69
CA ASN A 48 7.66 -9.50 -10.13
C ASN A 48 6.23 -9.90 -9.85
N PHE A 49 5.81 -9.56 -8.65
CA PHE A 49 4.53 -9.97 -8.16
C PHE A 49 3.72 -8.77 -7.67
N GLY A 50 3.84 -7.61 -8.33
CA GLY A 50 3.14 -6.41 -7.83
C GLY A 50 3.57 -6.07 -6.40
N ASN A 51 2.60 -5.97 -5.49
CA ASN A 51 2.85 -5.44 -4.14
C ASN A 51 3.41 -6.51 -3.23
N GLN A 52 3.47 -7.72 -3.77
CA GLN A 52 3.76 -8.87 -2.94
C GLN A 52 5.21 -9.25 -3.01
N CYS A 53 5.71 -9.65 -1.83
CA CYS A 53 7.09 -10.01 -1.59
C CYS A 53 7.76 -8.77 -0.92
N ASP A 54 8.80 -8.99 -0.12
CA ASP A 54 9.40 -7.87 0.61
C ASP A 54 10.40 -7.04 -0.22
N GLY A 55 10.50 -7.25 -1.53
CA GLY A 55 11.46 -6.49 -2.34
C GLY A 55 12.91 -7.01 -2.44
N SER A 56 13.28 -7.94 -1.55
CA SER A 56 14.58 -8.56 -1.56
C SER A 56 14.72 -9.46 -2.75
N VAL A 57 15.91 -9.48 -3.33
CA VAL A 57 16.20 -10.25 -4.55
C VAL A 57 17.35 -11.22 -4.17
N TYR A 58 17.40 -12.43 -4.71
CA TYR A 58 18.59 -13.26 -4.44
C TYR A 58 19.84 -12.59 -5.02
N VAL A 59 21.00 -12.80 -4.37
CA VAL A 59 22.34 -12.64 -4.99
C VAL A 59 23.05 -14.03 -5.14
N THR A 60 23.88 -14.24 -6.16
CA THR A 60 24.37 -15.60 -6.46
C THR A 60 25.64 -16.06 -5.69
N ASN A 61 26.11 -17.28 -5.96
CA ASN A 61 27.38 -17.74 -5.40
C ASN A 61 28.58 -16.87 -5.84
N ASP A 62 28.31 -15.88 -6.68
CA ASP A 62 29.30 -14.95 -7.22
C ASP A 62 29.15 -13.48 -6.75
N GLY A 63 28.22 -13.26 -5.81
CA GLY A 63 27.83 -11.91 -5.43
C GLY A 63 27.00 -11.09 -6.42
N VAL A 64 26.47 -11.74 -7.45
CA VAL A 64 25.68 -11.00 -8.47
C VAL A 64 24.26 -10.78 -7.96
N VAL A 65 23.81 -9.53 -8.02
CA VAL A 65 22.52 -9.15 -7.52
C VAL A 65 21.58 -9.48 -8.69
N THR A 66 20.59 -10.35 -8.44
CA THR A 66 19.71 -10.89 -9.52
C THR A 66 18.42 -10.05 -9.62
N LYS A 67 17.42 -10.57 -10.32
CA LYS A 67 16.14 -9.89 -10.43
C LYS A 67 15.04 -10.73 -9.80
N LEU A 68 15.44 -11.84 -9.18
CA LEU A 68 14.51 -12.76 -8.55
C LEU A 68 14.15 -12.30 -7.14
N LEU A 69 12.89 -12.48 -6.76
CA LEU A 69 12.40 -12.09 -5.43
C LEU A 69 12.59 -13.23 -4.44
N SER A 70 13.23 -12.90 -3.31
CA SER A 70 13.64 -13.91 -2.27
C SER A 70 12.74 -13.94 -1.05
N GLY A 71 11.97 -12.85 -0.81
CA GLY A 71 11.14 -12.82 0.36
C GLY A 71 9.67 -12.83 0.03
N CYS A 72 9.24 -13.79 -0.79
CA CYS A 72 7.83 -13.84 -1.16
C CYS A 72 7.05 -14.68 -0.14
N HIS A 73 6.92 -14.17 1.09
CA HIS A 73 6.49 -15.00 2.24
C HIS A 73 5.02 -15.38 2.20
N GLN A 74 4.15 -14.43 1.89
CA GLN A 74 2.67 -14.68 1.70
C GLN A 74 2.33 -15.65 0.57
N ILE A 75 3.14 -15.67 -0.47
CA ILE A 75 2.89 -16.52 -1.59
C ILE A 75 3.25 -17.96 -1.26
N MET A 76 4.42 -18.16 -0.66
CA MET A 76 4.80 -19.42 -0.09
C MET A 76 3.71 -19.99 0.89
N GLU A 77 3.28 -19.15 1.84
CA GLU A 77 2.21 -19.53 2.79
C GLU A 77 0.90 -19.86 2.11
N ASP A 78 0.56 -19.07 1.09
CA ASP A 78 -0.74 -19.09 0.41
C ASP A 78 -0.95 -20.10 -0.70
N ILE A 79 0.11 -20.49 -1.43
CA ILE A 79 -0.09 -21.46 -2.57
C ILE A 79 -0.64 -22.82 -2.11
N PRO A 80 -0.19 -23.36 -0.94
CA PRO A 80 -0.72 -24.63 -0.35
C PRO A 80 -2.20 -24.67 0.07
N ILE A 81 -2.70 -23.54 0.61
CA ILE A 81 -4.11 -23.31 0.87
C ILE A 81 -4.96 -23.50 -0.41
N CYS A 82 -4.68 -22.70 -1.43
CA CYS A 82 -5.20 -22.89 -2.78
C CYS A 82 -5.21 -24.38 -3.24
N GLN A 83 -4.05 -25.04 -3.10
CA GLN A 83 -3.95 -26.45 -3.48
C GLN A 83 -4.69 -27.39 -2.53
N ALA A 84 -4.62 -27.16 -1.21
CA ALA A 84 -5.49 -27.85 -0.25
C ALA A 84 -6.98 -27.67 -0.56
N ALA A 85 -7.32 -26.64 -1.35
CA ALA A 85 -8.72 -26.40 -1.78
C ALA A 85 -9.05 -26.93 -3.20
N GLY A 86 -8.19 -27.73 -3.79
CA GLY A 86 -8.57 -28.35 -5.08
C GLY A 86 -8.01 -27.63 -6.29
N LYS A 87 -7.34 -26.51 -6.05
CA LYS A 87 -6.99 -25.58 -7.11
C LYS A 87 -5.63 -25.92 -7.58
N LYS A 88 -5.46 -25.69 -8.88
CA LYS A 88 -4.19 -25.88 -9.54
C LYS A 88 -3.59 -24.54 -9.54
N VAL A 89 -2.27 -24.49 -9.36
CA VAL A 89 -1.55 -23.22 -9.29
C VAL A 89 -0.36 -23.31 -10.22
N LEU A 90 -0.35 -22.41 -11.23
CA LEU A 90 0.64 -22.50 -12.29
C LEU A 90 1.44 -21.21 -12.15
N LEU A 91 2.73 -21.28 -12.42
CA LEU A 91 3.53 -20.08 -12.28
C LEU A 91 3.65 -19.53 -13.67
N SER A 92 3.27 -18.28 -13.90
CA SER A 92 3.29 -17.76 -15.26
C SER A 92 4.57 -17.06 -15.75
N ILE A 93 4.92 -17.29 -17.01
CA ILE A 93 6.20 -16.83 -17.56
C ILE A 93 5.93 -15.73 -18.51
N GLY A 94 6.38 -14.51 -18.18
CA GLY A 94 6.37 -13.41 -19.14
C GLY A 94 5.53 -12.22 -18.73
N GLY A 95 4.36 -12.09 -19.34
CA GLY A 95 3.49 -10.99 -19.03
C GLY A 95 3.81 -9.78 -19.85
N ALA A 96 3.20 -8.67 -19.49
CA ALA A 96 3.17 -7.48 -20.32
C ALA A 96 4.43 -6.63 -20.22
N TYR A 97 4.98 -6.56 -19.03
CA TYR A 97 6.09 -5.67 -18.79
C TYR A 97 7.27 -6.42 -18.13
N PRO A 98 8.52 -6.19 -18.60
CA PRO A 98 8.96 -5.26 -19.65
C PRO A 98 8.93 -5.93 -21.05
N PRO A 99 8.95 -5.12 -22.13
CA PRO A 99 8.67 -5.71 -23.43
C PRO A 99 9.91 -6.21 -24.23
N ASP A 100 11.04 -6.44 -23.57
CA ASP A 100 12.35 -6.58 -24.22
C ASP A 100 13.11 -7.84 -23.77
N GLN A 101 12.37 -8.93 -23.62
CA GLN A 101 12.80 -10.16 -22.97
C GLN A 101 12.55 -11.31 -23.94
N SER A 102 13.50 -12.23 -24.05
CA SER A 102 13.31 -13.33 -24.98
C SER A 102 14.31 -14.44 -24.67
N ILE A 103 14.42 -15.40 -25.59
CA ILE A 103 15.33 -16.56 -25.50
C ILE A 103 16.18 -16.62 -26.77
N LEU A 104 17.49 -16.83 -26.59
CA LEU A 104 18.42 -16.68 -27.71
C LEU A 104 18.93 -17.99 -28.29
N SER A 105 18.91 -19.07 -27.53
CA SER A 105 19.31 -20.38 -28.03
C SER A 105 18.47 -21.54 -27.54
N GLU A 106 18.71 -22.71 -28.06
CA GLU A 106 18.08 -23.90 -27.53
C GLU A 106 18.67 -24.30 -26.20
N ASP A 107 19.94 -23.99 -25.99
CA ASP A 107 20.61 -24.19 -24.71
C ASP A 107 20.02 -23.36 -23.54
N SER A 108 19.87 -22.05 -23.74
CA SER A 108 19.29 -21.20 -22.71
C SER A 108 17.80 -21.54 -22.42
N ALA A 109 17.08 -22.04 -23.43
CA ALA A 109 15.71 -22.49 -23.22
C ALA A 109 15.62 -23.84 -22.42
N VAL A 110 16.55 -24.79 -22.64
CA VAL A 110 16.66 -25.96 -21.74
C VAL A 110 17.05 -25.61 -20.27
N ALA A 111 18.01 -24.71 -20.12
CA ALA A 111 18.45 -24.13 -18.84
C ALA A 111 17.32 -23.31 -18.14
N PHE A 112 16.65 -22.40 -18.86
CA PHE A 112 15.43 -21.69 -18.35
C PHE A 112 14.41 -22.68 -17.73
N ALA A 113 13.99 -23.68 -18.53
CA ALA A 113 13.10 -24.77 -18.09
C ALA A 113 13.57 -25.51 -16.82
N THR A 114 14.83 -25.96 -16.87
CA THR A 114 15.56 -26.67 -15.81
C THR A 114 15.69 -25.85 -14.48
N PHE A 115 16.12 -24.60 -14.59
CA PHE A 115 16.06 -23.62 -13.48
C PHE A 115 14.71 -23.41 -12.82
N LEU A 116 13.64 -23.16 -13.60
CA LEU A 116 12.26 -23.16 -13.05
C LEU A 116 11.83 -24.52 -12.46
N TRP A 117 12.16 -25.62 -13.13
CA TRP A 117 11.82 -26.94 -12.56
C TRP A 117 12.53 -27.14 -11.21
N GLY A 118 13.80 -26.75 -11.13
CA GLY A 118 14.52 -27.01 -9.88
C GLY A 118 14.01 -26.07 -8.79
N ALA A 119 13.59 -24.89 -9.21
CA ALA A 119 13.43 -23.75 -8.34
C ALA A 119 12.10 -23.73 -7.65
N PHE A 120 11.04 -24.12 -8.37
CA PHE A 120 9.65 -24.06 -7.96
C PHE A 120 9.02 -25.45 -8.20
N GLY A 121 9.77 -26.39 -8.75
CA GLY A 121 9.22 -27.76 -8.90
C GLY A 121 9.33 -28.54 -7.60
N PRO A 122 9.36 -29.91 -7.71
CA PRO A 122 9.65 -30.75 -6.57
C PRO A 122 11.00 -30.43 -5.96
N VAL A 123 11.05 -30.48 -4.61
CA VAL A 123 12.30 -30.50 -3.86
C VAL A 123 13.15 -31.70 -4.27
N ALA A 124 14.37 -31.39 -4.62
CA ALA A 124 15.31 -32.33 -5.13
C ALA A 124 16.72 -32.11 -4.56
N GLU A 125 17.35 -33.21 -4.22
CA GLU A 125 18.64 -33.32 -3.57
C GLU A 125 19.81 -32.51 -4.05
N GLY A 126 20.12 -32.78 -5.28
CA GLY A 126 21.27 -32.20 -5.91
C GLY A 126 20.97 -30.81 -6.30
N TRP A 127 19.73 -30.34 -6.13
CA TRP A 127 19.48 -28.93 -6.50
C TRP A 127 20.16 -27.92 -5.59
N GLU A 128 21.04 -27.11 -6.17
CA GLU A 128 21.73 -26.06 -5.43
C GLU A 128 21.31 -24.67 -5.89
N GLY A 129 20.03 -24.52 -6.24
CA GLY A 129 19.50 -23.25 -6.68
C GLY A 129 18.58 -22.62 -5.65
N PRO A 130 17.90 -21.54 -6.03
CA PRO A 130 16.97 -20.86 -5.10
C PRO A 130 15.69 -21.64 -4.90
N ARG A 131 14.99 -21.41 -3.81
CA ARG A 131 13.67 -21.95 -3.56
C ARG A 131 12.88 -20.72 -3.10
N PRO A 132 12.39 -19.90 -4.05
CA PRO A 132 11.78 -18.63 -3.73
C PRO A 132 10.51 -18.76 -2.90
N PHE A 133 9.79 -19.88 -3.12
CA PHE A 133 8.57 -20.22 -2.39
C PHE A 133 8.79 -21.38 -1.45
N GLY A 134 10.03 -21.60 -1.01
CA GLY A 134 10.30 -22.69 -0.06
C GLY A 134 10.03 -24.07 -0.66
N ASP A 135 9.43 -24.94 0.17
CA ASP A 135 9.12 -26.33 -0.21
C ASP A 135 7.83 -26.47 -0.96
N VAL A 136 7.12 -25.37 -1.18
CA VAL A 136 5.94 -25.41 -2.09
C VAL A 136 6.32 -25.90 -3.51
N VAL A 137 5.46 -26.73 -4.07
CA VAL A 137 5.64 -27.18 -5.43
C VAL A 137 4.43 -26.75 -6.25
N VAL A 138 4.72 -25.93 -7.27
CA VAL A 138 3.62 -25.47 -8.10
C VAL A 138 3.05 -26.63 -8.92
N ASP A 139 1.89 -26.42 -9.53
CA ASP A 139 1.26 -27.46 -10.35
C ASP A 139 1.66 -27.40 -11.80
N GLY A 140 2.48 -26.43 -12.15
CA GLY A 140 2.70 -26.22 -13.54
C GLY A 140 3.19 -24.85 -13.86
N PHE A 141 3.21 -24.57 -15.17
CA PHE A 141 3.85 -23.37 -15.70
C PHE A 141 2.98 -22.87 -16.85
N ASP A 142 2.73 -21.56 -16.82
CA ASP A 142 1.88 -20.91 -17.81
C ASP A 142 2.78 -20.01 -18.68
N PHE A 143 2.56 -20.07 -19.98
CA PHE A 143 3.36 -19.31 -20.92
C PHE A 143 2.57 -18.13 -21.43
N ASP A 144 2.82 -16.96 -20.86
CA ASP A 144 2.15 -15.73 -21.26
C ASP A 144 3.24 -14.86 -21.84
N ILE A 145 3.80 -15.39 -22.93
CA ILE A 145 4.77 -14.69 -23.77
C ILE A 145 3.98 -13.80 -24.73
N GLU A 146 4.01 -12.49 -24.54
CA GLU A 146 3.31 -11.54 -25.41
C GLU A 146 4.26 -10.59 -26.10
N HIS A 147 5.55 -10.97 -26.24
CA HIS A 147 6.55 -10.14 -26.98
C HIS A 147 7.68 -10.94 -27.64
N ASN A 148 8.14 -10.48 -28.82
CA ASN A 148 9.48 -10.83 -29.36
C ASN A 148 9.61 -12.17 -30.06
N GLY A 149 8.50 -12.76 -30.50
CA GLY A 149 8.55 -14.00 -31.31
C GLY A 149 8.43 -15.23 -30.43
N GLY A 150 8.44 -16.41 -31.09
CA GLY A 150 8.20 -17.71 -30.45
C GLY A 150 9.42 -18.58 -30.24
N PHE A 151 10.61 -18.14 -30.66
CA PHE A 151 11.82 -18.96 -30.48
C PHE A 151 11.99 -19.45 -29.01
N GLY A 152 12.26 -20.74 -28.84
CA GLY A 152 12.69 -21.33 -27.56
C GLY A 152 11.61 -22.04 -26.78
N TYR A 153 10.34 -21.69 -27.01
CA TYR A 153 9.27 -22.06 -26.11
C TYR A 153 8.74 -23.50 -26.20
N ALA A 154 8.76 -24.08 -27.40
CA ALA A 154 8.39 -25.47 -27.56
C ALA A 154 9.44 -26.32 -26.83
N THR A 155 10.72 -26.04 -27.08
CA THR A 155 11.81 -26.60 -26.27
C THR A 155 11.58 -26.48 -24.75
N MET A 156 11.27 -25.29 -24.24
CA MET A 156 11.02 -25.16 -22.77
C MET A 156 9.85 -26.02 -22.34
N VAL A 157 8.78 -26.04 -23.14
CA VAL A 157 7.60 -26.92 -22.87
C VAL A 157 7.94 -28.43 -22.85
N ASN A 158 8.60 -28.92 -23.89
CA ASN A 158 8.96 -30.33 -23.96
C ASN A 158 10.00 -30.71 -22.88
N THR A 159 10.88 -29.76 -22.56
CA THR A 159 11.84 -29.95 -21.48
C THR A 159 11.07 -30.08 -20.16
N PHE A 160 10.16 -29.15 -19.88
CA PHE A 160 9.27 -29.29 -18.72
C PHE A 160 8.56 -30.65 -18.66
N ARG A 161 8.07 -31.10 -19.84
CA ARG A 161 7.21 -32.27 -19.93
C ARG A 161 8.12 -33.47 -19.77
N GLN A 162 9.34 -33.36 -20.32
CA GLN A 162 10.40 -34.30 -20.01
C GLN A 162 10.54 -34.48 -18.49
N TYR A 163 10.57 -33.37 -17.75
CA TYR A 163 10.68 -33.45 -16.28
C TYR A 163 9.45 -34.03 -15.60
N PHE A 164 8.27 -33.65 -16.06
CA PHE A 164 7.00 -34.15 -15.53
C PHE A 164 6.94 -35.69 -15.52
N ASN A 165 7.39 -36.26 -16.62
CA ASN A 165 7.33 -37.69 -16.89
C ASN A 165 8.19 -38.55 -15.96
N GLN A 166 9.02 -37.92 -15.13
CA GLN A 166 9.82 -38.64 -14.15
C GLN A 166 9.13 -38.70 -12.79
N VAL A 167 8.04 -37.94 -12.64
CA VAL A 167 7.28 -37.88 -11.41
C VAL A 167 5.90 -38.56 -11.54
N PRO A 168 5.86 -39.87 -11.83
CA PRO A 168 4.68 -40.51 -12.38
C PRO A 168 3.47 -40.42 -11.46
N GLU A 169 3.75 -40.29 -10.13
CA GLU A 169 2.71 -40.20 -9.09
C GLU A 169 1.97 -38.85 -9.14
N ARG A 170 2.60 -37.85 -9.74
CA ARG A 170 2.02 -36.53 -9.71
C ARG A 170 1.81 -35.94 -11.10
N LYS A 171 1.04 -35.53 -11.44
CA LYS A 171 0.34 -34.79 -12.50
C LYS A 171 0.65 -33.28 -12.44
N PHE A 172 1.30 -32.81 -13.41
CA PHE A 172 1.75 -31.40 -13.57
C PHE A 172 1.15 -30.88 -14.89
N TYR A 173 1.01 -29.53 -15.01
CA TYR A 173 0.29 -28.89 -16.12
C TYR A 173 1.10 -27.80 -16.86
N LEU A 174 0.89 -27.75 -18.16
CA LEU A 174 1.47 -26.75 -19.01
C LEU A 174 0.29 -26.07 -19.65
N SER A 175 0.27 -24.76 -19.56
CA SER A 175 -0.70 -23.93 -20.29
C SER A 175 -0.01 -22.82 -21.07
N ALA A 176 -0.78 -22.19 -21.99
CA ALA A 176 -0.32 -21.02 -22.73
C ALA A 176 -1.43 -20.02 -22.91
N ALA A 177 -1.03 -18.78 -23.15
CA ALA A 177 -2.03 -17.71 -23.24
C ALA A 177 -1.82 -16.84 -24.47
N PRO A 178 -2.18 -17.36 -25.67
CA PRO A 178 -2.06 -16.58 -26.89
C PRO A 178 -2.98 -15.37 -26.98
N GLN A 179 -2.70 -14.48 -27.92
CA GLN A 179 -3.71 -13.51 -28.28
C GLN A 179 -4.46 -13.99 -29.45
N CYS A 180 -5.51 -13.28 -29.82
CA CYS A 180 -6.50 -13.88 -30.71
C CYS A 180 -5.99 -14.11 -32.16
N ILE A 181 -5.35 -13.09 -32.75
CA ILE A 181 -4.77 -13.19 -34.16
C ILE A 181 -4.11 -14.53 -34.41
N ILE A 182 -4.44 -15.15 -35.53
CA ILE A 182 -3.87 -16.41 -35.91
C ILE A 182 -3.02 -16.10 -37.16
N PRO A 183 -1.73 -16.54 -37.20
CA PRO A 183 -0.96 -17.21 -36.15
C PRO A 183 -0.44 -16.26 -35.05
N ASP A 184 -0.51 -16.75 -33.80
CA ASP A 184 0.10 -16.01 -32.68
C ASP A 184 1.63 -16.02 -32.78
N ALA A 185 2.21 -14.85 -32.79
CA ALA A 185 3.62 -14.65 -33.09
C ALA A 185 4.52 -15.28 -31.98
N GLN A 186 3.99 -15.34 -30.76
CA GLN A 186 4.70 -15.79 -29.57
C GLN A 186 4.62 -17.26 -29.37
N LEU A 187 3.44 -17.81 -29.64
CA LEU A 187 3.06 -19.10 -29.10
C LEU A 187 2.56 -20.17 -30.09
N SER A 188 2.58 -19.87 -31.37
CA SER A 188 2.03 -20.79 -32.37
C SER A 188 3.00 -21.88 -32.62
N ASP A 189 4.27 -21.59 -32.44
CA ASP A 189 5.32 -22.61 -32.58
C ASP A 189 5.21 -23.55 -31.37
N ALA A 190 5.10 -22.95 -30.18
CA ALA A 190 4.88 -23.69 -28.93
C ALA A 190 3.64 -24.58 -29.00
N ILE A 191 2.51 -23.99 -29.38
CA ILE A 191 1.24 -24.71 -29.42
C ILE A 191 1.33 -25.85 -30.45
N PHE A 192 2.09 -25.65 -31.52
CA PHE A 192 2.06 -26.62 -32.59
C PHE A 192 2.94 -27.81 -32.31
N ASN A 193 4.12 -27.50 -31.80
CA ASN A 193 5.20 -28.45 -31.69
C ASN A 193 5.31 -29.08 -30.30
N ALA A 194 4.44 -28.72 -29.37
CA ALA A 194 4.41 -29.29 -28.00
C ALA A 194 2.97 -29.45 -27.43
N ALA A 195 2.81 -30.26 -26.38
CA ALA A 195 1.46 -30.54 -25.77
C ALA A 195 1.13 -29.63 -24.57
N PHE A 196 0.20 -28.66 -24.75
CA PHE A 196 -0.26 -27.81 -23.68
C PHE A 196 -1.51 -28.42 -23.06
N ASP A 197 -1.62 -28.44 -21.74
CA ASP A 197 -2.80 -29.03 -21.13
C ASP A 197 -3.98 -28.16 -21.36
N PHE A 198 -3.75 -26.83 -21.32
CA PHE A 198 -4.78 -25.77 -21.34
C PHE A 198 -4.28 -24.65 -22.25
N ILE A 199 -5.17 -24.02 -22.99
CA ILE A 199 -4.81 -22.77 -23.71
C ILE A 199 -5.91 -21.73 -23.58
N TRP A 200 -5.57 -20.52 -23.14
CA TRP A 200 -6.57 -19.53 -22.88
C TRP A 200 -6.20 -18.42 -23.81
N ILE A 201 -6.90 -18.36 -24.93
CA ILE A 201 -6.74 -17.23 -25.83
C ILE A 201 -7.24 -15.94 -25.20
N GLN A 202 -6.36 -14.96 -25.11
CA GLN A 202 -6.79 -13.65 -24.69
C GLN A 202 -7.69 -13.06 -25.77
N TYR A 203 -8.98 -12.95 -25.47
CA TYR A 203 -9.95 -12.33 -26.35
C TYR A 203 -10.25 -10.83 -26.05
N TYR A 204 -9.23 -10.09 -25.62
CA TYR A 204 -9.28 -8.62 -25.40
C TYR A 204 -7.97 -8.01 -25.86
N ASN A 205 -8.04 -6.71 -26.15
CA ASN A 205 -6.93 -5.86 -26.61
C ASN A 205 -6.56 -5.97 -28.10
N THR A 206 -7.18 -6.91 -28.81
CA THR A 206 -7.02 -6.91 -30.26
C THR A 206 -8.36 -6.91 -30.91
N ALA A 207 -8.55 -5.91 -31.78
CA ALA A 207 -9.83 -5.60 -32.37
C ALA A 207 -10.34 -6.64 -33.37
N ALA A 208 -9.45 -7.25 -34.15
CA ALA A 208 -9.83 -8.07 -35.33
C ALA A 208 -10.40 -9.46 -35.01
N CYS A 209 -10.37 -9.82 -33.72
CA CYS A 209 -10.88 -11.12 -33.28
C CYS A 209 -11.31 -11.14 -31.82
N SER A 210 -11.60 -9.98 -31.24
CA SER A 210 -12.03 -9.85 -29.84
C SER A 210 -13.34 -10.56 -29.50
N ALA A 211 -13.49 -10.98 -28.24
CA ALA A 211 -14.76 -11.54 -27.78
C ALA A 211 -15.90 -10.54 -28.01
N LYS A 212 -15.69 -9.25 -27.79
CA LYS A 212 -16.77 -8.30 -28.04
C LYS A 212 -17.17 -8.26 -29.53
N SER A 213 -16.32 -8.79 -30.42
CA SER A 213 -16.65 -8.86 -31.86
C SER A 213 -17.64 -9.99 -32.14
N PHE A 214 -18.01 -10.74 -31.09
CA PHE A 214 -19.07 -11.75 -31.17
C PHE A 214 -20.45 -11.13 -30.92
N ILE A 215 -20.46 -10.08 -30.09
CA ILE A 215 -21.65 -9.36 -29.71
C ILE A 215 -21.89 -8.24 -30.71
N ASP A 216 -20.82 -7.56 -31.08
CA ASP A 216 -20.84 -6.66 -32.22
C ASP A 216 -19.97 -7.25 -33.34
N THR A 217 -20.60 -7.96 -34.27
CA THR A 217 -19.85 -8.53 -35.40
C THR A 217 -19.31 -7.52 -36.43
N SER A 218 -19.40 -6.22 -36.15
CA SER A 218 -18.81 -5.19 -37.01
C SER A 218 -17.41 -4.76 -36.54
N LEU A 219 -16.99 -5.25 -35.37
CA LEU A 219 -15.76 -4.78 -34.74
C LEU A 219 -14.48 -5.51 -35.16
N GLY A 220 -14.68 -6.68 -35.77
CA GLY A 220 -13.67 -7.74 -35.97
C GLY A 220 -14.47 -9.04 -36.10
N THR A 221 -13.78 -10.18 -36.17
CA THR A 221 -14.42 -11.51 -36.32
C THR A 221 -13.96 -12.56 -35.28
N PHE A 222 -14.81 -12.86 -34.31
CA PHE A 222 -14.49 -13.81 -33.26
C PHE A 222 -14.28 -15.18 -33.87
N ASN A 223 -13.13 -15.74 -33.55
CA ASN A 223 -12.48 -16.75 -34.35
C ASN A 223 -12.17 -18.05 -33.63
N PHE A 224 -12.95 -18.39 -32.60
CA PHE A 224 -12.70 -19.57 -31.75
C PHE A 224 -12.69 -20.80 -32.65
N ASP A 225 -13.49 -20.74 -33.75
CA ASP A 225 -13.59 -21.83 -34.74
C ASP A 225 -12.29 -22.16 -35.40
N ALA A 226 -11.66 -21.12 -35.97
CA ALA A 226 -10.32 -21.19 -36.60
C ALA A 226 -9.37 -21.76 -35.60
N TRP A 227 -9.51 -21.36 -34.34
CA TRP A 227 -8.65 -21.89 -33.23
C TRP A 227 -8.95 -23.41 -32.94
N VAL A 228 -10.18 -23.82 -32.74
CA VAL A 228 -10.37 -25.26 -32.71
C VAL A 228 -9.71 -26.00 -33.92
N THR A 229 -9.58 -25.38 -35.10
CA THR A 229 -9.09 -26.12 -36.27
C THR A 229 -7.56 -26.30 -36.16
N VAL A 230 -6.92 -25.25 -35.66
CA VAL A 230 -5.48 -25.26 -35.41
C VAL A 230 -5.88 -25.62 -33.93
N LEU A 231 -5.36 -26.74 -33.46
CA LEU A 231 -5.39 -27.18 -32.07
C LEU A 231 -5.47 -28.64 -32.56
N LYS A 232 -6.51 -28.95 -33.34
CA LYS A 232 -6.66 -30.24 -34.04
C LYS A 232 -5.45 -30.75 -34.83
N ALA A 233 -4.71 -29.81 -35.44
CA ALA A 233 -3.51 -30.12 -36.23
C ALA A 233 -2.25 -30.34 -35.34
N SER A 234 -2.25 -29.61 -34.24
CA SER A 234 -1.13 -29.36 -33.36
C SER A 234 -0.83 -30.47 -32.35
N ALA A 235 0.38 -30.39 -31.76
CA ALA A 235 0.81 -31.27 -30.72
C ALA A 235 -0.08 -31.09 -29.49
N SER A 236 -0.81 -29.98 -29.44
CA SER A 236 -1.71 -29.75 -28.29
C SER A 236 -3.14 -30.14 -28.65
N LYS A 237 -3.31 -31.01 -29.66
CA LYS A 237 -4.67 -31.48 -30.04
C LYS A 237 -5.67 -31.82 -28.90
N ASP A 238 -5.13 -32.35 -27.80
CA ASP A 238 -5.92 -32.68 -26.60
C ASP A 238 -5.92 -31.50 -25.61
N ALA A 239 -5.52 -30.32 -26.05
CA ALA A 239 -5.62 -29.19 -25.14
C ALA A 239 -7.06 -28.78 -24.97
N LYS A 240 -7.38 -28.29 -23.79
CA LYS A 240 -8.66 -27.64 -23.49
C LYS A 240 -8.52 -26.15 -23.79
N LEU A 241 -9.37 -25.62 -24.66
CA LEU A 241 -9.30 -24.20 -25.02
C LEU A 241 -10.18 -23.36 -24.08
N TYR A 242 -9.69 -22.19 -23.72
CA TYR A 242 -10.46 -21.27 -22.80
C TYR A 242 -10.71 -19.92 -23.45
N VAL A 243 -11.88 -19.34 -23.19
CA VAL A 243 -12.15 -18.01 -23.73
C VAL A 243 -11.60 -17.04 -22.65
N GLY A 244 -10.51 -16.32 -22.97
CA GLY A 244 -9.97 -15.36 -22.04
C GLY A 244 -10.65 -14.00 -22.03
N LEU A 245 -11.02 -13.55 -20.82
CA LEU A 245 -11.87 -12.34 -20.69
C LEU A 245 -11.40 -11.38 -19.63
N PRO A 246 -11.65 -10.07 -19.81
CA PRO A 246 -11.35 -9.06 -18.76
C PRO A 246 -12.42 -9.02 -17.64
N ALA A 247 -12.00 -9.01 -16.37
CA ALA A 247 -12.97 -9.24 -15.30
C ALA A 247 -13.74 -7.98 -14.97
N SER A 248 -13.25 -6.85 -15.47
CA SER A 248 -13.89 -5.51 -15.34
C SER A 248 -13.51 -4.62 -16.54
N GLU A 249 -14.31 -3.58 -16.78
CA GLU A 249 -14.02 -2.64 -17.85
C GLU A 249 -12.64 -2.03 -17.67
N THR A 250 -12.15 -2.04 -16.43
CA THR A 250 -10.83 -1.51 -16.12
C THR A 250 -9.83 -2.65 -15.91
N ALA A 251 -9.75 -3.53 -16.90
CA ALA A 251 -8.86 -4.68 -16.85
C ALA A 251 -8.05 -4.86 -18.12
N ALA A 252 -8.65 -4.44 -19.24
CA ALA A 252 -7.98 -4.31 -20.53
C ALA A 252 -8.51 -3.04 -21.21
N ASN A 253 -7.95 -2.74 -22.40
CA ASN A 253 -8.38 -1.59 -23.21
C ASN A 253 -9.89 -1.47 -23.36
N GLN A 254 -10.38 -0.23 -23.46
CA GLN A 254 -11.79 0.11 -23.42
C GLN A 254 -12.59 -0.63 -24.48
N GLY A 255 -13.79 -1.11 -24.10
CA GLY A 255 -14.62 -1.93 -25.01
C GLY A 255 -14.27 -3.41 -25.18
N TYR A 256 -13.53 -4.01 -24.25
CA TYR A 256 -13.20 -5.44 -24.38
C TYR A 256 -14.02 -6.26 -23.37
N TYR A 257 -14.29 -5.66 -22.22
CA TYR A 257 -15.29 -6.13 -21.28
C TYR A 257 -16.68 -6.38 -21.84
N LEU A 258 -17.16 -7.60 -21.58
CA LEU A 258 -18.49 -8.12 -21.87
C LEU A 258 -19.24 -8.35 -20.56
N THR A 259 -20.54 -8.09 -20.59
CA THR A 259 -21.38 -8.18 -19.42
C THR A 259 -21.71 -9.65 -19.25
N PRO A 260 -22.20 -10.04 -18.05
CA PRO A 260 -22.43 -11.46 -17.99
C PRO A 260 -23.38 -12.04 -19.06
N ASP A 261 -24.34 -11.29 -19.49
CA ASP A 261 -25.26 -11.75 -20.45
C ASP A 261 -24.59 -11.88 -21.77
N GLU A 262 -23.73 -10.95 -22.09
CA GLU A 262 -22.91 -11.12 -23.25
C GLU A 262 -21.98 -12.33 -23.18
N VAL A 263 -21.50 -12.70 -21.99
CA VAL A 263 -20.56 -13.78 -21.88
C VAL A 263 -21.29 -15.06 -22.06
N GLU A 264 -22.36 -15.17 -21.30
CA GLU A 264 -23.16 -16.34 -21.43
C GLU A 264 -23.53 -16.70 -22.88
N SER A 265 -23.88 -15.70 -23.68
CA SER A 265 -24.32 -16.02 -25.03
C SER A 265 -23.07 -16.48 -25.85
N LEU A 266 -21.90 -15.89 -25.59
CA LEU A 266 -20.62 -16.46 -26.10
C LEU A 266 -20.40 -17.96 -25.70
N VAL A 267 -20.40 -18.19 -24.39
CA VAL A 267 -20.13 -19.48 -23.78
C VAL A 267 -21.15 -20.60 -24.17
N SER A 268 -22.46 -20.35 -24.07
CA SER A 268 -23.42 -21.41 -24.36
C SER A 268 -23.40 -21.85 -25.82
N THR A 269 -22.79 -21.05 -26.68
CA THR A 269 -22.70 -21.30 -28.11
C THR A 269 -21.48 -22.16 -28.43
N TYR A 270 -20.40 -21.97 -27.67
CA TYR A 270 -19.10 -22.58 -27.99
C TYR A 270 -18.80 -23.72 -27.07
N MET A 271 -19.57 -23.83 -26.00
CA MET A 271 -19.53 -24.99 -25.12
C MET A 271 -20.26 -26.15 -25.83
N ASP A 272 -21.40 -25.83 -26.43
CA ASP A 272 -22.20 -26.77 -27.24
C ASP A 272 -21.59 -27.20 -28.60
N ARG A 273 -20.99 -26.25 -29.34
CA ARG A 273 -20.32 -26.60 -30.60
C ARG A 273 -19.16 -27.52 -30.29
N TYR A 274 -18.26 -27.08 -29.42
CA TYR A 274 -17.06 -27.92 -29.13
C TYR A 274 -17.02 -28.41 -27.70
N PRO A 275 -17.95 -29.32 -27.34
CA PRO A 275 -18.02 -29.81 -25.97
C PRO A 275 -16.81 -30.63 -25.58
N ASP A 276 -15.97 -30.92 -26.53
CA ASP A 276 -14.90 -31.86 -26.30
C ASP A 276 -13.56 -31.12 -26.14
N THR A 277 -13.53 -29.90 -26.66
CA THR A 277 -12.36 -29.04 -26.61
C THR A 277 -12.60 -27.78 -25.75
N PHE A 278 -13.79 -27.19 -25.83
CA PHE A 278 -14.09 -26.02 -25.04
C PHE A 278 -13.76 -26.38 -23.60
N GLY A 279 -13.23 -25.46 -22.82
CA GLY A 279 -12.70 -25.84 -21.52
C GLY A 279 -13.26 -25.00 -20.43
N GLY A 280 -13.64 -23.78 -20.78
CA GLY A 280 -14.05 -22.79 -19.78
C GLY A 280 -13.66 -21.34 -20.11
N ILE A 281 -13.61 -20.51 -19.07
CA ILE A 281 -13.30 -19.09 -19.13
C ILE A 281 -12.03 -18.85 -18.34
N MET A 282 -11.29 -17.83 -18.77
CA MET A 282 -10.11 -17.38 -18.07
C MET A 282 -10.33 -15.91 -17.82
N LEU A 283 -10.00 -15.45 -16.63
CA LEU A 283 -10.12 -14.02 -16.34
C LEU A 283 -8.81 -13.24 -16.17
N TRP A 284 -8.78 -12.07 -16.82
CA TRP A 284 -7.79 -11.01 -16.47
C TRP A 284 -8.42 -9.81 -15.79
N GLU A 285 -8.18 -9.60 -14.48
CA GLU A 285 -7.50 -10.60 -13.59
C GLU A 285 -8.20 -10.62 -12.21
N ALA A 286 -7.53 -11.04 -11.14
CA ALA A 286 -8.13 -11.37 -9.86
C ALA A 286 -8.66 -10.17 -9.09
N THR A 287 -7.88 -9.11 -9.09
CA THR A 287 -8.23 -7.87 -8.44
C THR A 287 -9.37 -7.18 -9.18
N ALA A 288 -9.26 -7.04 -10.49
CA ALA A 288 -10.36 -6.42 -11.25
C ALA A 288 -11.68 -7.23 -10.94
N SER A 289 -11.60 -8.56 -10.95
CA SER A 289 -12.79 -9.32 -10.55
C SER A 289 -13.31 -8.97 -9.09
N GLU A 290 -12.39 -8.84 -8.13
CA GLU A 290 -12.74 -8.40 -6.77
C GLU A 290 -13.56 -7.12 -6.71
N ASN A 291 -13.14 -6.18 -7.56
CA ASN A 291 -13.63 -4.83 -7.49
C ASN A 291 -14.85 -4.63 -8.38
N ASN A 292 -15.23 -5.71 -9.06
CA ASN A 292 -16.34 -5.68 -9.93
C ASN A 292 -17.43 -6.55 -9.31
N GLN A 293 -17.98 -6.01 -8.23
CA GLN A 293 -18.97 -6.69 -7.43
C GLN A 293 -20.33 -6.41 -7.98
N ILE A 294 -20.95 -7.48 -8.50
CA ILE A 294 -22.28 -7.43 -9.13
C ILE A 294 -23.26 -8.21 -8.24
N ASP A 295 -24.19 -7.51 -7.60
CA ASP A 295 -25.08 -7.98 -6.51
C ASP A 295 -24.44 -8.66 -5.30
N GLY A 296 -23.45 -8.02 -4.67
CA GLY A 296 -22.77 -8.70 -3.53
C GLY A 296 -21.83 -9.86 -3.89
N ALA A 297 -21.56 -10.12 -5.17
CA ALA A 297 -20.46 -11.11 -5.54
C ALA A 297 -19.47 -10.68 -6.67
N PRO A 298 -18.20 -11.20 -6.68
CA PRO A 298 -17.34 -10.63 -7.74
C PRO A 298 -17.61 -11.18 -9.15
N TYR A 299 -16.93 -10.65 -10.16
CA TYR A 299 -17.17 -11.10 -11.51
C TYR A 299 -16.94 -12.58 -11.73
N ALA A 300 -15.88 -13.12 -11.13
CA ALA A 300 -15.57 -14.51 -11.32
C ALA A 300 -16.74 -15.37 -10.83
N ASP A 301 -17.32 -15.07 -9.66
CA ASP A 301 -18.50 -15.88 -9.20
C ASP A 301 -19.61 -15.94 -10.23
N HIS A 302 -19.85 -14.85 -10.95
CA HIS A 302 -20.90 -14.87 -11.97
C HIS A 302 -20.46 -15.65 -13.24
N MET A 303 -19.19 -15.57 -13.61
CA MET A 303 -18.67 -16.47 -14.66
C MET A 303 -18.90 -17.98 -14.40
N LYS A 304 -18.77 -18.42 -13.15
CA LYS A 304 -18.77 -19.84 -12.82
C LYS A 304 -20.21 -20.42 -12.88
N ASP A 305 -21.15 -19.61 -12.43
CA ASP A 305 -22.56 -19.86 -12.57
C ASP A 305 -23.00 -20.01 -14.02
N ILE A 306 -22.36 -19.23 -14.89
CA ILE A 306 -22.61 -19.30 -16.30
C ILE A 306 -22.19 -20.67 -16.77
N LEU A 307 -20.98 -21.09 -16.38
CA LEU A 307 -20.39 -22.35 -16.83
C LEU A 307 -21.16 -23.57 -16.35
N LEU A 308 -21.77 -23.43 -15.16
CA LEU A 308 -22.54 -24.52 -14.55
C LEU A 308 -23.98 -24.51 -15.05
N HIS A 309 -24.44 -23.34 -15.48
CA HIS A 309 -25.80 -23.19 -15.99
C HIS A 309 -25.86 -23.46 -17.49
N SER B 1 16.28 16.74 41.43
CA SER B 1 15.19 15.92 42.00
C SER B 1 14.39 15.23 40.86
N ASN B 2 14.01 13.98 41.11
CA ASN B 2 13.72 12.99 40.07
C ASN B 2 12.22 12.70 39.91
N LEU B 3 11.84 12.06 38.83
CA LEU B 3 10.42 11.72 38.65
C LEU B 3 10.25 10.25 38.33
N ALA B 4 9.56 9.56 39.21
CA ALA B 4 9.24 8.14 39.09
C ALA B 4 7.81 8.04 38.63
N ILE B 5 7.44 6.94 37.99
CA ILE B 5 6.10 6.80 37.49
C ILE B 5 5.82 5.30 37.35
N TYR B 6 4.55 4.92 37.53
CA TYR B 6 4.12 3.55 37.41
C TYR B 6 3.49 3.30 36.06
N TRP B 7 3.79 2.10 35.60
CA TRP B 7 3.38 1.56 34.33
C TRP B 7 3.08 0.08 34.57
N GLY B 8 1.96 -0.39 34.02
CA GLY B 8 1.67 -1.82 33.90
C GLY B 8 0.23 -2.09 34.26
N GLN B 9 -0.41 -1.09 34.88
CA GLN B 9 -1.83 -1.13 35.30
C GLN B 9 -2.75 -0.08 34.68
N GLY B 10 -2.36 0.43 33.50
CA GLY B 10 -3.17 1.43 32.78
C GLY B 10 -4.18 0.73 31.92
N PRO B 11 -5.44 1.25 31.87
CA PRO B 11 -6.48 0.75 30.93
C PRO B 11 -6.10 1.13 29.48
N ASN B 12 -6.03 0.16 28.56
CA ASN B 12 -5.59 0.40 27.12
C ASN B 12 -4.21 1.06 27.05
N GLN B 13 -3.31 0.75 27.99
CA GLN B 13 -2.03 1.47 28.00
C GLN B 13 -1.31 1.27 26.69
N LEU B 14 -0.49 2.26 26.33
CA LEU B 14 0.49 2.09 25.28
C LEU B 14 1.66 1.29 25.86
N ARG B 15 2.51 0.77 24.99
CA ARG B 15 3.52 -0.17 25.41
C ARG B 15 4.63 0.62 26.10
N LEU B 16 5.49 -0.09 26.83
CA LEU B 16 6.47 0.54 27.67
C LEU B 16 7.40 1.43 26.84
N SER B 17 7.92 0.91 25.72
CA SER B 17 8.69 1.76 24.75
C SER B 17 8.17 3.18 24.63
N HIS B 18 6.89 3.37 24.50
CA HIS B 18 6.36 4.73 24.39
C HIS B 18 6.88 5.64 25.54
N PHE B 19 6.84 5.15 26.78
CA PHE B 19 7.27 5.92 27.93
C PHE B 19 8.79 5.95 28.09
N CYS B 20 9.46 5.05 27.41
CA CYS B 20 10.92 5.04 27.33
C CYS B 20 11.45 6.27 26.60
N GLN B 21 10.67 6.73 25.61
CA GLN B 21 10.94 7.98 24.89
C GLN B 21 10.40 9.26 25.58
N GLU B 22 9.72 9.13 26.72
CA GLU B 22 9.28 10.36 27.41
C GLU B 22 10.49 10.76 28.23
N THR B 23 11.23 11.74 27.71
CA THR B 23 12.44 12.30 28.35
C THR B 23 12.26 12.69 29.83
N SER B 24 11.08 13.14 30.20
CA SER B 24 10.92 13.73 31.48
C SER B 24 11.04 12.61 32.54
N LEU B 25 10.91 11.33 32.14
CA LEU B 25 10.90 10.24 33.14
C LEU B 25 12.27 9.80 33.53
N ASP B 26 12.48 9.67 34.84
CA ASP B 26 13.76 9.21 35.37
C ASP B 26 13.63 7.80 35.87
N ILE B 27 12.43 7.43 36.35
CA ILE B 27 12.25 6.08 36.99
C ILE B 27 10.89 5.45 36.57
N ILE B 28 10.89 4.19 36.17
CA ILE B 28 9.65 3.54 35.88
C ILE B 28 9.60 2.28 36.73
N ASN B 29 8.48 2.08 37.44
CA ASN B 29 8.27 0.85 38.22
C ASN B 29 7.20 0.07 37.44
N ILE B 30 7.42 -1.22 37.26
CA ILE B 30 6.55 -2.06 36.41
C ILE B 30 5.62 -2.87 37.36
N GLY B 31 4.30 -2.73 37.22
CA GLY B 31 3.43 -3.40 38.18
C GLY B 31 2.53 -4.38 37.47
N PHE B 32 2.37 -5.60 37.97
CA PHE B 32 2.90 -6.10 39.29
C PHE B 32 3.19 -7.58 39.28
N ILE B 33 4.06 -8.00 40.19
CA ILE B 33 4.13 -9.37 40.76
C ILE B 33 3.17 -9.29 41.96
N ASN B 34 1.91 -9.59 41.65
CA ASN B 34 0.85 -9.39 42.59
C ASN B 34 0.47 -10.74 43.21
N TYR B 35 0.94 -11.87 42.70
CA TYR B 35 0.74 -13.15 43.47
C TYR B 35 1.96 -13.62 44.27
N PHE B 36 1.78 -13.97 45.55
CA PHE B 36 2.96 -14.34 46.35
C PHE B 36 3.17 -15.88 46.45
N PRO B 37 4.41 -16.36 46.67
CA PRO B 37 4.56 -17.85 46.60
C PRO B 37 3.75 -18.72 47.58
N ASP B 38 3.51 -18.22 48.78
CA ASP B 38 2.87 -19.03 49.83
C ASP B 38 1.43 -19.34 49.48
N MET B 39 0.79 -18.49 48.65
CA MET B 39 -0.59 -18.76 48.25
C MET B 39 -0.87 -19.05 46.75
N SER B 40 0.17 -19.36 46.01
CA SER B 40 0.01 -19.36 44.55
C SER B 40 0.65 -20.63 43.93
N PRO B 41 0.14 -21.08 42.76
CA PRO B 41 0.49 -22.49 42.43
C PRO B 41 1.98 -22.76 42.30
N GLY B 42 2.51 -23.84 42.93
CA GLY B 42 3.94 -24.21 42.78
C GLY B 42 4.92 -23.49 43.72
N HIS B 43 4.41 -22.67 44.63
CA HIS B 43 5.27 -21.68 45.31
C HIS B 43 6.17 -20.86 44.35
N TRP B 44 5.61 -20.56 43.18
CA TRP B 44 6.09 -19.49 42.29
C TRP B 44 5.28 -18.19 42.50
N PRO B 45 5.95 -17.06 42.45
CA PRO B 45 5.37 -15.69 42.31
C PRO B 45 4.44 -15.62 41.10
N GLY B 46 3.57 -14.62 41.02
CA GLY B 46 2.66 -14.53 39.83
C GLY B 46 2.69 -13.12 39.29
N SER B 47 2.38 -12.91 38.04
CA SER B 47 2.47 -11.54 37.55
C SER B 47 1.23 -11.06 36.81
N ASN B 48 0.95 -9.76 36.88
CA ASN B 48 -0.08 -9.26 35.98
C ASN B 48 0.41 -7.92 35.52
N PHE B 49 0.40 -7.72 34.21
CA PHE B 49 0.74 -6.44 33.64
C PHE B 49 -0.35 -5.88 32.69
N GLY B 50 -1.64 -5.89 33.07
CA GLY B 50 -2.73 -5.25 32.25
C GLY B 50 -2.95 -5.91 30.88
N ASN B 51 -3.19 -5.11 29.82
CA ASN B 51 -3.22 -5.64 28.42
C ASN B 51 -1.90 -6.16 27.85
N GLN B 52 -0.84 -6.17 28.68
CA GLN B 52 0.48 -6.60 28.19
C GLN B 52 0.74 -8.07 28.45
N CYS B 53 1.49 -8.69 27.54
CA CYS B 53 1.87 -10.09 27.64
C CYS B 53 0.77 -10.91 26.97
N ASP B 54 1.11 -12.08 26.44
CA ASP B 54 0.15 -12.83 25.58
C ASP B 54 -0.87 -13.76 26.30
N GLY B 55 -0.87 -13.76 27.63
CA GLY B 55 -1.79 -14.65 28.35
C GLY B 55 -1.18 -15.96 28.84
N SER B 56 -0.10 -16.44 28.18
CA SER B 56 0.67 -17.59 28.64
C SER B 56 1.28 -17.43 30.07
N VAL B 57 1.44 -18.57 30.79
CA VAL B 57 2.01 -18.56 32.13
C VAL B 57 3.01 -19.72 32.16
N TYR B 58 3.89 -19.81 33.14
CA TYR B 58 4.74 -20.93 33.23
C TYR B 58 3.96 -22.08 33.82
N VAL B 59 4.40 -23.26 33.42
CA VAL B 59 3.97 -24.45 34.11
C VAL B 59 5.25 -25.04 34.52
N THR B 60 5.37 -25.55 35.74
CA THR B 60 6.71 -25.93 36.20
C THR B 60 7.12 -27.26 35.53
N ASN B 61 8.39 -27.67 35.66
CA ASN B 61 8.76 -29.08 35.25
C ASN B 61 8.02 -30.19 36.02
N ASP B 62 7.17 -29.79 37.00
CA ASP B 62 6.29 -30.70 37.74
C ASP B 62 4.90 -30.60 37.14
N GLY B 63 4.75 -29.89 36.04
CA GLY B 63 3.44 -29.68 35.47
C GLY B 63 2.45 -28.83 36.26
N VAL B 64 2.90 -28.06 37.26
CA VAL B 64 1.99 -27.04 37.87
C VAL B 64 1.75 -25.80 36.96
N VAL B 65 0.49 -25.55 36.55
CA VAL B 65 0.13 -24.27 35.94
C VAL B 65 0.29 -23.17 37.03
N THR B 66 1.21 -22.23 36.80
CA THR B 66 1.46 -21.16 37.76
C THR B 66 0.71 -19.88 37.36
N LYS B 67 1.09 -18.77 37.97
CA LYS B 67 0.47 -17.48 37.67
C LYS B 67 1.45 -16.54 36.98
N LEU B 68 2.72 -16.90 37.00
CA LEU B 68 3.76 -16.08 36.37
C LEU B 68 3.60 -16.12 34.87
N LEU B 69 3.41 -14.95 34.28
CA LEU B 69 3.36 -14.76 32.81
C LEU B 69 4.73 -15.04 32.13
N SER B 70 4.67 -15.82 31.04
CA SER B 70 5.82 -16.29 30.27
C SER B 70 5.90 -15.70 28.87
N GLY B 71 4.90 -14.89 28.49
CA GLY B 71 4.85 -14.34 27.13
C GLY B 71 4.99 -12.83 27.02
N CYS B 72 5.75 -12.21 27.92
CA CYS B 72 5.85 -10.74 27.95
C CYS B 72 6.91 -10.15 27.00
N HIS B 73 6.64 -10.30 25.71
CA HIS B 73 7.62 -10.05 24.66
C HIS B 73 7.88 -8.60 24.53
N GLN B 74 6.85 -7.78 24.68
CA GLN B 74 6.96 -6.33 24.52
C GLN B 74 7.70 -5.62 25.67
N ILE B 75 7.43 -6.03 26.92
CA ILE B 75 8.23 -5.64 28.06
C ILE B 75 9.73 -6.01 27.90
N MET B 76 10.01 -7.26 27.57
CA MET B 76 11.37 -7.68 27.33
C MET B 76 12.11 -6.74 26.38
N GLU B 77 11.48 -6.52 25.21
CA GLU B 77 12.00 -5.64 24.19
C GLU B 77 12.19 -4.24 24.63
N ASP B 78 11.33 -3.77 25.55
CA ASP B 78 11.16 -2.33 25.89
C ASP B 78 11.93 -1.86 27.16
N ILE B 79 12.20 -2.76 28.08
CA ILE B 79 12.98 -2.34 29.26
C ILE B 79 14.40 -1.88 28.90
N PRO B 80 15.10 -2.64 28.04
CA PRO B 80 16.46 -2.14 27.69
C PRO B 80 16.50 -0.76 26.93
N ILE B 81 15.51 -0.49 26.07
CA ILE B 81 15.32 0.81 25.44
C ILE B 81 15.29 1.98 26.44
N CYS B 82 14.36 1.86 27.39
CA CYS B 82 14.26 2.68 28.57
C CYS B 82 15.61 2.79 29.28
N GLN B 83 16.27 1.65 29.47
CA GLN B 83 17.58 1.67 30.12
C GLN B 83 18.68 2.34 29.28
N ALA B 84 18.64 2.20 27.95
CA ALA B 84 19.58 3.00 27.10
C ALA B 84 19.30 4.54 27.14
N ALA B 85 18.07 4.93 27.50
CA ALA B 85 17.69 6.35 27.72
C ALA B 85 17.89 6.86 29.17
N GLY B 86 18.62 6.10 29.96
CA GLY B 86 19.04 6.58 31.26
C GLY B 86 18.07 6.29 32.38
N LYS B 87 16.88 5.79 32.07
CA LYS B 87 15.90 5.45 33.13
C LYS B 87 16.30 4.19 33.89
N LYS B 88 15.87 4.10 35.14
CA LYS B 88 16.18 2.96 35.98
C LYS B 88 14.91 2.21 36.38
N VAL B 89 14.56 1.18 35.60
CA VAL B 89 13.37 0.39 35.86
C VAL B 89 13.48 -0.35 37.20
N LEU B 90 12.33 -0.64 37.79
CA LEU B 90 12.28 -1.35 39.08
C LEU B 90 11.02 -2.17 38.83
N LEU B 91 11.05 -3.42 39.22
CA LEU B 91 9.96 -4.34 39.07
C LEU B 91 9.17 -4.31 40.33
N SER B 92 7.89 -4.00 40.21
CA SER B 92 7.13 -3.72 41.41
C SER B 92 6.40 -4.94 41.95
N ILE B 93 6.45 -5.07 43.29
CA ILE B 93 5.81 -6.17 44.06
C ILE B 93 4.48 -5.71 44.78
N GLY B 94 3.44 -6.52 44.61
CA GLY B 94 2.15 -6.36 45.33
C GLY B 94 1.11 -5.68 44.45
N GLY B 95 0.78 -4.43 44.81
CA GLY B 95 -0.26 -3.72 44.10
C GLY B 95 -1.55 -3.88 44.87
N ALA B 96 -2.59 -3.39 44.21
CA ALA B 96 -3.92 -3.12 44.71
C ALA B 96 -4.79 -4.36 44.77
N TYR B 97 -4.77 -5.13 43.68
CA TYR B 97 -5.54 -6.36 43.53
C TYR B 97 -4.60 -7.53 43.22
N PRO B 98 -4.85 -8.71 43.84
CA PRO B 98 -5.89 -9.05 44.82
C PRO B 98 -5.51 -8.68 46.30
N PRO B 99 -6.49 -8.66 47.21
CA PRO B 99 -6.25 -8.25 48.64
C PRO B 99 -5.73 -9.31 49.65
N ASP B 100 -5.42 -10.52 49.17
CA ASP B 100 -5.25 -11.71 50.02
C ASP B 100 -3.84 -12.34 49.93
N GLN B 101 -2.85 -11.52 49.62
CA GLN B 101 -1.49 -12.03 49.42
C GLN B 101 -0.70 -11.47 50.53
N SER B 102 0.18 -12.32 51.06
CA SER B 102 1.13 -11.94 52.07
C SER B 102 2.22 -13.03 52.11
N ILE B 103 3.16 -12.82 53.03
CA ILE B 103 4.25 -13.73 53.34
C ILE B 103 4.02 -14.38 54.72
N LEU B 104 4.12 -15.70 54.73
CA LEU B 104 3.89 -16.51 55.95
C LEU B 104 5.07 -16.81 56.88
N SER B 105 6.30 -16.74 56.34
CA SER B 105 7.47 -17.23 57.10
C SER B 105 8.75 -16.58 56.65
N GLU B 106 9.79 -16.70 57.45
CA GLU B 106 11.03 -16.01 57.14
C GLU B 106 11.82 -16.74 56.03
N ASP B 107 11.56 -18.04 55.92
CA ASP B 107 12.16 -18.88 54.86
C ASP B 107 11.53 -18.53 53.54
N SER B 108 10.21 -18.34 53.54
CA SER B 108 9.43 -17.99 52.32
C SER B 108 9.62 -16.51 51.91
N ALA B 109 10.28 -15.70 52.76
CA ALA B 109 10.67 -14.34 52.41
C ALA B 109 12.04 -14.36 51.67
N VAL B 110 13.02 -15.07 52.24
CA VAL B 110 14.32 -15.29 51.59
C VAL B 110 14.13 -15.97 50.20
N ALA B 111 13.36 -17.06 50.18
CA ALA B 111 13.01 -17.83 48.92
C ALA B 111 12.39 -16.88 47.87
N PHE B 112 11.57 -15.94 48.30
CA PHE B 112 10.77 -15.07 47.40
C PHE B 112 11.69 -14.02 46.80
N ALA B 113 12.58 -13.44 47.62
CA ALA B 113 13.61 -12.56 47.12
C ALA B 113 14.50 -13.31 46.16
N THR B 114 14.90 -14.50 46.60
CA THR B 114 15.79 -15.36 45.82
C THR B 114 15.25 -15.67 44.44
N PHE B 115 13.98 -16.09 44.37
CA PHE B 115 13.25 -16.31 43.09
C PHE B 115 13.26 -15.11 42.13
N LEU B 116 13.04 -13.90 42.69
CA LEU B 116 12.98 -12.65 41.95
C LEU B 116 14.40 -12.25 41.50
N TRP B 117 15.39 -12.46 42.34
CA TRP B 117 16.81 -12.14 41.91
C TRP B 117 17.16 -13.00 40.70
N GLY B 118 16.93 -14.33 40.77
CA GLY B 118 17.31 -15.19 39.64
C GLY B 118 16.42 -15.13 38.41
N ALA B 119 15.17 -14.73 38.60
CA ALA B 119 14.26 -14.56 37.48
C ALA B 119 14.46 -13.28 36.69
N PHE B 120 14.74 -12.17 37.38
CA PHE B 120 14.67 -10.84 36.77
C PHE B 120 15.99 -10.06 36.95
N GLY B 121 16.84 -10.49 37.90
CA GLY B 121 18.19 -9.91 37.97
C GLY B 121 19.14 -10.51 36.94
N PRO B 122 20.46 -10.39 37.18
CA PRO B 122 21.54 -10.99 36.32
C PRO B 122 21.36 -12.49 35.94
N VAL B 123 21.66 -12.84 34.69
CA VAL B 123 21.62 -14.24 34.28
C VAL B 123 22.68 -15.00 35.09
N ALA B 124 22.27 -16.04 35.83
CA ALA B 124 23.18 -16.93 36.58
C ALA B 124 23.11 -18.34 35.99
N GLU B 125 24.27 -18.97 35.82
CA GLU B 125 24.35 -20.19 34.98
C GLU B 125 23.71 -21.42 35.60
N GLY B 126 23.63 -21.41 36.95
CA GLY B 126 22.92 -22.43 37.70
C GLY B 126 21.53 -22.00 38.17
N TRP B 127 20.99 -20.91 37.61
CA TRP B 127 19.56 -20.61 37.72
C TRP B 127 18.74 -21.60 36.87
N GLU B 128 17.91 -22.35 37.55
CA GLU B 128 17.04 -23.27 36.92
C GLU B 128 15.59 -22.88 36.99
N GLY B 129 15.26 -21.63 37.14
CA GLY B 129 13.90 -21.22 37.04
C GLY B 129 13.66 -20.42 35.80
N PRO B 130 12.63 -19.60 35.82
CA PRO B 130 12.16 -18.82 34.68
C PRO B 130 13.00 -17.58 34.45
N ARG B 131 13.00 -17.11 33.22
CA ARG B 131 13.53 -15.84 32.85
C ARG B 131 12.45 -15.09 32.01
N PRO B 132 11.40 -14.49 32.66
CA PRO B 132 10.18 -14.01 31.94
C PRO B 132 10.39 -12.83 30.99
N PHE B 133 11.44 -12.08 31.33
CA PHE B 133 12.04 -11.02 30.49
C PHE B 133 13.36 -11.47 29.86
N GLY B 134 13.58 -12.78 29.78
CA GLY B 134 14.78 -13.27 29.11
C GLY B 134 16.02 -12.74 29.79
N ASP B 135 16.98 -12.27 28.99
CA ASP B 135 18.27 -11.79 29.49
C ASP B 135 18.20 -10.35 30.00
N VAL B 136 17.03 -9.70 29.92
CA VAL B 136 16.80 -8.40 30.59
C VAL B 136 17.14 -8.58 32.06
N VAL B 137 17.91 -7.61 32.58
CA VAL B 137 18.11 -7.44 34.04
C VAL B 137 17.67 -6.05 34.57
N VAL B 138 16.62 -6.11 35.38
CA VAL B 138 16.00 -4.92 35.97
C VAL B 138 17.01 -4.30 36.89
N ASP B 139 16.77 -3.03 37.20
CA ASP B 139 17.65 -2.19 38.07
C ASP B 139 17.28 -2.36 39.52
N GLY B 140 16.18 -3.05 39.78
CA GLY B 140 15.82 -3.37 41.16
C GLY B 140 14.33 -3.67 41.36
N PHE B 141 13.92 -3.53 42.60
CA PHE B 141 12.56 -3.92 43.04
C PHE B 141 12.00 -2.84 43.94
N ASP B 142 10.69 -2.65 43.76
CA ASP B 142 9.83 -1.71 44.44
C ASP B 142 8.87 -2.50 45.29
N PHE B 143 8.60 -2.05 46.51
CA PHE B 143 7.70 -2.78 47.41
C PHE B 143 6.40 -2.03 47.54
N ASP B 144 5.33 -2.47 46.86
CA ASP B 144 4.04 -1.74 46.87
C ASP B 144 3.00 -2.61 47.55
N ILE B 145 3.34 -2.99 48.78
CA ILE B 145 2.52 -3.86 49.59
C ILE B 145 1.41 -2.98 50.22
N GLU B 146 0.14 -3.31 49.96
CA GLU B 146 -0.97 -2.42 50.34
C GLU B 146 -2.00 -3.20 51.17
N HIS B 147 -1.74 -4.47 51.44
CA HIS B 147 -2.64 -5.31 52.21
C HIS B 147 -1.84 -6.23 53.14
N ASN B 148 -2.45 -6.54 54.28
CA ASN B 148 -2.16 -7.73 55.12
C ASN B 148 -0.96 -7.67 56.03
N GLY B 149 -0.47 -6.46 56.32
CA GLY B 149 0.48 -6.30 57.40
C GLY B 149 1.90 -6.25 56.90
N GLY B 150 2.84 -6.01 57.80
CA GLY B 150 4.24 -5.84 57.40
C GLY B 150 5.19 -7.03 57.42
N PHE B 151 4.70 -8.24 57.75
CA PHE B 151 5.62 -9.39 57.98
C PHE B 151 6.40 -9.82 56.72
N GLY B 152 7.72 -9.97 56.89
CA GLY B 152 8.61 -10.63 55.94
C GLY B 152 9.32 -9.72 54.97
N TYR B 153 8.79 -8.51 54.78
CA TYR B 153 9.31 -7.58 53.76
C TYR B 153 10.71 -7.00 54.05
N ALA B 154 11.05 -6.79 55.32
CA ALA B 154 12.41 -6.47 55.76
C ALA B 154 13.42 -7.53 55.32
N THR B 155 13.06 -8.80 55.55
CA THR B 155 13.86 -9.97 55.14
C THR B 155 14.12 -10.00 53.63
N MET B 156 13.13 -9.66 52.80
CA MET B 156 13.33 -9.64 51.36
C MET B 156 14.26 -8.55 50.97
N VAL B 157 14.15 -7.39 51.65
CA VAL B 157 14.99 -6.22 51.29
C VAL B 157 16.46 -6.50 51.59
N ASN B 158 16.69 -7.12 52.73
CA ASN B 158 18.02 -7.48 53.23
C ASN B 158 18.65 -8.61 52.44
N THR B 159 17.84 -9.66 52.16
CA THR B 159 18.17 -10.69 51.16
C THR B 159 18.60 -10.04 49.77
N PHE B 160 17.71 -9.26 49.10
CA PHE B 160 18.11 -8.46 47.88
C PHE B 160 19.45 -7.72 48.08
N ARG B 161 19.47 -6.77 49.03
CA ARG B 161 20.68 -6.01 49.48
C ARG B 161 21.95 -6.90 49.53
N GLN B 162 21.87 -8.00 50.26
CA GLN B 162 22.98 -8.94 50.36
C GLN B 162 23.41 -9.40 48.97
N TYR B 163 22.44 -9.82 48.16
CA TYR B 163 22.72 -10.24 46.80
C TYR B 163 23.40 -9.12 46.03
N PHE B 164 22.70 -8.00 45.89
CA PHE B 164 23.26 -6.80 45.22
C PHE B 164 24.76 -6.77 45.40
N ASN B 165 25.18 -7.08 46.62
CA ASN B 165 26.54 -6.86 47.09
C ASN B 165 27.58 -7.85 46.56
N GLN B 166 27.11 -8.96 45.99
CA GLN B 166 27.98 -9.90 45.30
C GLN B 166 28.37 -9.28 43.96
N VAL B 167 27.45 -8.50 43.41
CA VAL B 167 27.70 -7.76 42.17
C VAL B 167 28.12 -6.33 42.54
N PRO B 168 29.42 -6.07 42.49
CA PRO B 168 29.98 -4.81 42.92
C PRO B 168 30.14 -3.84 41.75
N GLU B 169 30.29 -4.39 40.55
CA GLU B 169 30.36 -3.61 39.30
C GLU B 169 29.10 -2.83 38.92
N ARG B 170 27.95 -3.12 39.54
CA ARG B 170 26.71 -2.45 39.15
C ARG B 170 25.85 -2.12 40.35
N LYS B 171 25.25 -0.92 40.34
CA LYS B 171 24.26 -0.51 41.35
C LYS B 171 22.84 -0.96 40.98
N PHE B 172 22.18 -1.56 41.97
CA PHE B 172 20.78 -1.94 41.99
C PHE B 172 20.22 -1.16 43.16
N TYR B 173 18.88 -1.00 43.15
CA TYR B 173 18.09 -0.07 43.94
C TYR B 173 16.86 -0.81 44.51
N LEU B 174 16.42 -0.37 45.66
CA LEU B 174 15.28 -0.96 46.37
C LEU B 174 14.44 0.23 46.78
N SER B 175 13.13 0.25 46.44
CA SER B 175 12.18 1.37 46.71
C SER B 175 10.98 0.90 47.51
N ALA B 176 10.12 1.81 47.96
CA ALA B 176 8.98 1.42 48.85
C ALA B 176 7.87 2.39 48.66
N ALA B 177 6.62 1.94 48.62
CA ALA B 177 5.49 2.82 48.21
C ALA B 177 4.42 2.85 49.29
N PRO B 178 4.76 3.38 50.49
CA PRO B 178 3.72 3.35 51.47
C PRO B 178 2.58 4.35 51.33
N GLN B 179 1.50 4.15 52.11
CA GLN B 179 0.45 5.12 52.11
C GLN B 179 0.78 6.12 53.16
N CYS B 180 -0.08 7.12 53.37
CA CYS B 180 0.36 8.28 54.10
C CYS B 180 0.50 8.15 55.61
N ILE B 181 -0.40 7.37 56.22
CA ILE B 181 -0.57 7.32 57.67
C ILE B 181 0.64 6.64 58.28
N ILE B 182 1.12 7.22 59.39
CA ILE B 182 2.17 6.69 60.20
C ILE B 182 1.52 6.11 61.45
N PRO B 183 1.81 4.83 61.78
CA PRO B 183 2.74 3.96 61.03
C PRO B 183 1.99 3.35 59.85
N ASP B 184 2.68 3.11 58.73
CA ASP B 184 2.15 2.33 57.59
C ASP B 184 2.12 0.91 58.02
N ALA B 185 1.00 0.27 57.80
CA ALA B 185 0.71 -1.04 58.34
C ALA B 185 1.53 -2.11 57.62
N GLN B 186 1.85 -1.86 56.36
CA GLN B 186 2.52 -2.85 55.54
C GLN B 186 4.04 -2.65 55.51
N LEU B 187 4.50 -1.40 55.68
CA LEU B 187 5.90 -1.12 55.26
C LEU B 187 6.81 -0.50 56.26
N SER B 188 6.29 0.01 57.36
CA SER B 188 7.09 0.67 58.41
C SER B 188 8.16 -0.24 58.96
N ASP B 189 7.83 -1.52 59.05
CA ASP B 189 8.70 -2.56 59.65
C ASP B 189 9.93 -2.71 58.70
N ALA B 190 9.64 -3.01 57.42
CA ALA B 190 10.65 -2.85 56.34
C ALA B 190 11.42 -1.52 56.38
N ILE B 191 10.75 -0.36 56.41
CA ILE B 191 11.46 0.94 56.27
C ILE B 191 12.36 1.22 57.48
N PHE B 192 11.95 0.75 58.67
CA PHE B 192 12.79 0.79 59.82
C PHE B 192 13.96 -0.21 59.80
N ASN B 193 13.69 -1.44 59.32
CA ASN B 193 14.68 -2.53 59.51
C ASN B 193 15.53 -2.83 58.30
N ALA B 194 15.24 -2.23 57.14
CA ALA B 194 16.16 -2.37 56.00
C ALA B 194 16.34 -1.06 55.23
N ALA B 195 17.41 -0.98 54.46
CA ALA B 195 17.72 0.17 53.68
C ALA B 195 17.01 0.18 52.30
N PHE B 196 16.06 1.10 52.07
CA PHE B 196 15.63 1.44 50.69
C PHE B 196 16.49 2.55 50.08
N ASP B 197 16.47 2.65 48.75
CA ASP B 197 17.06 3.79 48.09
C ASP B 197 16.03 4.89 47.84
N PHE B 198 14.77 4.51 47.60
CA PHE B 198 13.75 5.46 47.19
C PHE B 198 12.52 5.13 48.03
N ILE B 199 11.91 6.13 48.65
CA ILE B 199 10.61 5.95 49.23
C ILE B 199 9.69 7.01 48.63
N TRP B 200 8.62 6.57 48.00
CA TRP B 200 7.61 7.47 47.56
C TRP B 200 6.42 7.23 48.42
N ILE B 201 5.95 8.26 49.16
CA ILE B 201 4.75 8.05 49.93
C ILE B 201 3.62 8.22 48.91
N GLN B 202 2.60 7.38 48.99
CA GLN B 202 1.36 7.63 48.23
C GLN B 202 0.49 8.64 48.98
N TYR B 203 0.43 9.89 48.46
CA TYR B 203 -0.39 10.99 49.03
C TYR B 203 -1.79 11.20 48.36
N TYR B 204 -2.44 10.07 48.09
CA TYR B 204 -3.78 9.99 47.55
C TYR B 204 -4.51 8.78 48.17
N ASN B 205 -5.85 8.91 48.23
CA ASN B 205 -6.78 7.91 48.76
C ASN B 205 -6.91 7.83 50.30
N THR B 206 -6.04 8.52 51.03
CA THR B 206 -6.23 8.68 52.47
C THR B 206 -6.39 10.17 52.79
N ALA B 207 -7.57 10.55 53.27
CA ALA B 207 -7.93 11.94 53.49
C ALA B 207 -7.14 12.55 54.66
N ALA B 208 -6.76 11.73 55.65
CA ALA B 208 -6.10 12.24 56.89
C ALA B 208 -4.77 12.92 56.66
N CYS B 209 -4.07 12.43 55.62
CA CYS B 209 -2.73 12.94 55.34
C CYS B 209 -2.39 13.21 53.83
N SER B 210 -3.40 13.26 52.97
CA SER B 210 -3.25 13.52 51.52
C SER B 210 -2.40 14.74 51.14
N ALA B 211 -1.92 14.75 49.90
CA ALA B 211 -1.26 15.97 49.38
C ALA B 211 -2.20 17.15 49.28
N LYS B 212 -3.48 16.90 48.98
CA LYS B 212 -4.47 17.96 48.83
C LYS B 212 -4.87 18.63 50.19
N SER B 213 -4.61 17.94 51.30
CA SER B 213 -4.77 18.52 52.63
C SER B 213 -3.74 19.61 52.90
N PHE B 214 -2.60 19.55 52.19
CA PHE B 214 -1.63 20.66 52.13
C PHE B 214 -2.37 21.88 51.62
N ILE B 215 -3.15 21.71 50.54
CA ILE B 215 -3.82 22.81 49.92
C ILE B 215 -5.00 23.21 50.78
N ASP B 216 -5.97 22.29 50.95
CA ASP B 216 -7.20 22.48 51.74
C ASP B 216 -7.06 21.83 53.10
N THR B 217 -6.58 22.62 54.04
CA THR B 217 -6.20 22.12 55.34
C THR B 217 -7.35 21.61 56.22
N SER B 218 -8.61 21.79 55.82
CA SER B 218 -9.71 21.19 56.57
C SER B 218 -9.86 19.67 56.31
N LEU B 219 -9.26 19.15 55.20
CA LEU B 219 -9.38 17.74 54.83
C LEU B 219 -8.58 16.73 55.64
N GLY B 220 -7.48 17.19 56.22
CA GLY B 220 -6.46 16.36 56.83
C GLY B 220 -5.26 17.27 57.07
N THR B 221 -4.14 16.65 57.43
CA THR B 221 -2.87 17.33 57.71
C THR B 221 -1.71 16.72 56.92
N PHE B 222 -1.10 17.50 56.04
CA PHE B 222 -0.01 16.98 55.22
C PHE B 222 1.18 16.74 56.14
N ASN B 223 1.70 15.50 56.09
CA ASN B 223 2.69 14.96 57.03
C ASN B 223 4.00 14.57 56.37
N PHE B 224 4.51 15.39 55.48
CA PHE B 224 5.84 15.02 54.96
C PHE B 224 6.90 15.25 56.06
N ASP B 225 6.65 16.25 56.92
CA ASP B 225 7.51 16.49 58.09
C ASP B 225 7.70 15.30 59.04
N ALA B 226 6.60 14.69 59.50
CA ALA B 226 6.66 13.54 60.43
C ALA B 226 7.39 12.39 59.78
N TRP B 227 7.23 12.29 58.46
CA TRP B 227 7.77 11.15 57.70
C TRP B 227 9.31 11.28 57.63
N VAL B 228 9.82 12.48 57.44
CA VAL B 228 11.30 12.67 57.50
C VAL B 228 11.86 12.25 58.84
N THR B 229 11.14 12.61 59.91
CA THR B 229 11.57 12.28 61.27
C THR B 229 11.75 10.74 61.43
N VAL B 230 10.73 9.99 61.03
CA VAL B 230 10.75 8.52 60.92
C VAL B 230 11.98 7.96 60.16
N LEU B 231 12.13 8.43 58.92
CA LEU B 231 13.25 8.07 58.02
C LEU B 231 14.59 8.20 58.71
N LYS B 232 14.76 9.38 59.33
CA LYS B 232 16.02 9.78 59.95
C LYS B 232 16.41 8.86 61.10
N ALA B 233 15.42 8.20 61.71
CA ALA B 233 15.65 7.21 62.79
C ALA B 233 15.88 5.77 62.26
N SER B 234 15.35 5.51 61.06
CA SER B 234 15.38 4.18 60.43
C SER B 234 16.70 3.78 59.77
N ALA B 235 16.74 2.52 59.31
CA ALA B 235 17.87 2.06 58.52
C ALA B 235 17.79 2.62 57.08
N SER B 236 16.64 3.20 56.71
CA SER B 236 16.39 3.93 55.45
C SER B 236 16.73 5.45 55.54
N LYS B 237 17.42 5.83 56.63
CA LYS B 237 17.87 7.25 56.83
C LYS B 237 18.49 7.99 55.63
N ASP B 238 19.31 7.31 54.86
CA ASP B 238 19.82 7.85 53.62
C ASP B 238 18.86 7.76 52.39
N ALA B 239 17.58 7.39 52.57
CA ALA B 239 16.68 7.19 51.43
C ALA B 239 16.31 8.53 50.83
N LYS B 240 16.09 8.59 49.52
CA LYS B 240 15.47 9.80 48.99
C LYS B 240 13.94 9.66 49.07
N LEU B 241 13.27 10.77 49.42
CA LEU B 241 11.86 10.74 49.84
C LEU B 241 11.02 11.54 48.84
N TYR B 242 10.08 10.83 48.17
CA TYR B 242 9.19 11.34 47.10
C TYR B 242 7.72 11.57 47.44
N VAL B 243 7.15 12.59 46.82
CA VAL B 243 5.73 12.85 46.99
C VAL B 243 5.00 12.13 45.87
N GLY B 244 4.31 11.05 46.26
CA GLY B 244 3.45 10.31 45.33
C GLY B 244 2.11 10.95 45.02
N LEU B 245 1.84 11.20 43.72
CA LEU B 245 0.54 11.86 43.29
C LEU B 245 -0.21 11.19 42.18
N PRO B 246 -1.58 11.35 42.15
CA PRO B 246 -2.31 10.85 41.02
C PRO B 246 -1.98 11.72 39.83
N ALA B 247 -1.78 11.11 38.65
CA ALA B 247 -1.53 11.85 37.42
C ALA B 247 -2.78 12.46 36.71
N SER B 248 -3.99 12.19 37.19
CA SER B 248 -5.19 12.76 36.58
C SER B 248 -6.20 12.81 37.67
N GLU B 249 -7.44 13.14 37.31
CA GLU B 249 -8.51 13.09 38.32
C GLU B 249 -8.85 11.63 38.62
N THR B 250 -8.88 10.81 37.78
CA THR B 250 -9.41 9.47 37.96
C THR B 250 -8.38 8.40 38.03
N ALA B 251 -7.17 8.78 38.40
CA ALA B 251 -6.10 7.82 38.71
C ALA B 251 -6.19 7.28 40.15
N ALA B 252 -6.90 8.03 41.01
CA ALA B 252 -7.26 7.71 42.41
C ALA B 252 -8.80 7.98 42.68
N ASN B 253 -9.28 7.80 43.92
CA ASN B 253 -10.61 8.38 44.27
C ASN B 253 -10.61 9.90 44.03
N GLN B 254 -11.81 10.48 43.86
CA GLN B 254 -12.01 11.93 43.62
C GLN B 254 -11.26 12.79 44.63
N GLY B 255 -10.84 13.96 44.12
CA GLY B 255 -10.37 15.06 44.95
C GLY B 255 -8.96 14.95 45.49
N TYR B 256 -8.21 13.94 45.04
CA TYR B 256 -6.84 13.73 45.48
C TYR B 256 -5.86 14.33 44.49
N TYR B 257 -6.35 14.61 43.28
CA TYR B 257 -5.55 15.17 42.19
C TYR B 257 -5.23 16.61 42.48
N LEU B 258 -4.01 17.03 42.15
CA LEU B 258 -3.60 18.44 42.24
C LEU B 258 -3.26 19.01 40.84
N THR B 259 -3.72 20.24 40.55
CA THR B 259 -3.37 20.94 39.33
C THR B 259 -1.88 21.23 39.54
N PRO B 260 -1.13 21.49 38.43
CA PRO B 260 0.29 21.81 38.48
C PRO B 260 0.61 22.96 39.47
N ASP B 261 -0.29 23.93 39.55
CA ASP B 261 -0.15 25.04 40.47
C ASP B 261 -0.18 24.52 41.91
N GLU B 262 -1.17 23.70 42.22
CA GLU B 262 -1.28 23.08 43.53
C GLU B 262 0.00 22.29 43.82
N VAL B 263 0.38 21.43 42.89
CA VAL B 263 1.64 20.67 43.00
C VAL B 263 2.90 21.52 43.24
N GLU B 264 3.08 22.46 42.70
CA GLU B 264 4.24 23.29 42.66
C GLU B 264 4.59 24.08 43.97
N SER B 265 3.25 24.43 44.59
CA SER B 265 3.34 25.08 45.88
C SER B 265 3.82 24.06 46.95
N LEU B 266 3.25 22.87 46.91
CA LEU B 266 3.75 21.77 47.76
C LEU B 266 5.25 21.45 47.54
N VAL B 267 5.64 21.09 46.31
CA VAL B 267 7.00 20.63 45.96
C VAL B 267 8.14 21.60 46.33
N SER B 268 7.91 22.85 46.04
CA SER B 268 8.86 23.92 46.26
C SER B 268 9.10 24.18 47.73
N THR B 269 8.15 23.88 48.57
CA THR B 269 8.22 24.17 50.00
C THR B 269 8.92 23.01 50.64
N TYR B 270 8.71 21.81 50.09
CA TYR B 270 9.32 20.58 50.61
C TYR B 270 10.74 20.30 50.04
N MET B 271 11.08 20.92 48.92
CA MET B 271 12.45 20.88 48.39
C MET B 271 13.38 21.87 49.12
N ASP B 272 12.85 23.06 49.48
CA ASP B 272 13.61 24.08 50.27
C ASP B 272 13.83 23.62 51.67
N ARG B 273 12.83 22.94 52.25
CA ARG B 273 12.86 22.52 53.66
C ARG B 273 13.74 21.33 53.87
N TYR B 274 13.83 20.45 52.88
CA TYR B 274 14.57 19.19 53.06
C TYR B 274 15.45 18.85 51.87
N PRO B 275 16.47 19.71 51.56
CA PRO B 275 17.08 19.66 50.23
C PRO B 275 17.79 18.37 49.99
N ASP B 276 18.24 17.82 51.12
CA ASP B 276 19.04 16.64 51.15
C ASP B 276 18.08 15.45 51.34
N THR B 277 16.89 15.64 51.88
CA THR B 277 16.01 14.48 52.05
C THR B 277 14.97 14.30 50.90
N PHE B 278 14.32 15.36 50.45
CA PHE B 278 13.25 15.29 49.45
C PHE B 278 13.83 14.75 48.15
N GLY B 279 13.12 13.87 47.46
CA GLY B 279 13.62 13.19 46.28
C GLY B 279 13.00 13.60 44.96
N GLY B 280 11.80 14.17 45.02
CA GLY B 280 11.04 14.51 43.79
C GLY B 280 9.57 14.11 43.88
N ILE B 281 9.01 13.75 42.71
CA ILE B 281 7.60 13.37 42.52
C ILE B 281 7.53 11.94 42.04
N MET B 282 6.50 11.17 42.46
CA MET B 282 6.18 9.83 41.91
C MET B 282 4.80 9.91 41.32
N LEU B 283 4.53 9.24 40.20
CA LEU B 283 3.22 9.46 39.53
C LEU B 283 2.47 8.15 39.42
N TRP B 284 1.21 8.13 39.87
CA TRP B 284 0.33 7.00 39.53
C TRP B 284 -0.73 7.60 38.60
N GLU B 285 -0.69 7.25 37.31
CA GLU B 285 0.35 6.41 36.69
C GLU B 285 0.46 6.81 35.21
N ALA B 286 1.21 6.04 34.43
CA ALA B 286 1.68 6.49 33.09
C ALA B 286 0.53 6.75 32.07
N THR B 287 -0.51 5.93 32.14
CA THR B 287 -1.67 6.14 31.30
C THR B 287 -2.54 7.35 31.76
N ALA B 288 -2.77 7.49 33.05
CA ALA B 288 -3.45 8.69 33.53
C ALA B 288 -2.69 9.92 33.11
N SER B 289 -1.37 9.88 33.27
CA SER B 289 -0.50 10.95 32.77
C SER B 289 -0.66 11.17 31.25
N GLU B 290 -0.41 10.13 30.47
CA GLU B 290 -0.58 10.21 29.02
C GLU B 290 -1.93 10.81 28.60
N ASN B 291 -2.99 10.40 29.28
CA ASN B 291 -4.37 10.84 28.95
C ASN B 291 -4.75 12.21 29.48
N ASN B 292 -3.88 12.77 30.31
CA ASN B 292 -4.09 14.07 30.95
C ASN B 292 -3.14 15.05 30.30
N GLN B 293 -3.36 15.31 29.03
CA GLN B 293 -2.58 16.28 28.29
C GLN B 293 -3.01 17.64 28.74
N ILE B 294 -2.04 18.41 29.18
CA ILE B 294 -2.21 19.82 29.45
C ILE B 294 -1.32 20.61 28.46
N ASP B 295 -2.00 21.24 27.49
CA ASP B 295 -1.40 22.05 26.43
C ASP B 295 -0.26 21.38 25.60
N GLY B 296 -0.61 20.31 24.89
CA GLY B 296 0.33 19.58 24.01
C GLY B 296 1.36 18.73 24.74
N ALA B 297 1.10 18.41 26.01
CA ALA B 297 2.09 17.68 26.81
C ALA B 297 1.52 16.88 28.00
N PRO B 298 2.00 15.62 28.23
CA PRO B 298 1.33 14.85 29.27
C PRO B 298 1.67 15.36 30.70
N TYR B 299 0.81 15.11 31.68
CA TYR B 299 0.99 15.67 33.03
C TYR B 299 2.40 15.54 33.50
N ALA B 300 2.93 14.35 33.33
CA ALA B 300 4.30 14.01 33.68
C ALA B 300 5.47 14.95 33.17
N ASP B 301 5.34 15.56 31.98
CA ASP B 301 6.38 16.49 31.56
C ASP B 301 6.21 17.78 32.34
N HIS B 302 4.98 18.10 32.76
CA HIS B 302 4.72 19.27 33.60
C HIS B 302 5.23 19.08 35.05
N MET B 303 5.24 17.83 35.54
CA MET B 303 5.75 17.56 36.88
C MET B 303 7.25 17.78 36.88
N LYS B 304 7.94 17.35 35.81
CA LYS B 304 9.38 17.61 35.62
C LYS B 304 9.85 19.10 35.54
N ASP B 305 9.07 19.92 34.83
CA ASP B 305 9.36 21.34 34.72
C ASP B 305 9.32 21.99 36.10
N ILE B 306 8.31 21.63 36.88
CA ILE B 306 8.18 22.13 38.25
C ILE B 306 9.42 21.76 39.04
N LEU B 307 9.86 20.50 38.89
CA LEU B 307 11.10 20.01 39.58
C LEU B 307 12.41 20.71 39.15
N LEU B 308 12.41 21.25 37.93
CA LEU B 308 13.58 21.91 37.33
C LEU B 308 13.60 23.41 37.63
N HIS B 309 12.41 24.01 37.71
CA HIS B 309 12.30 25.43 37.99
C HIS B 309 12.63 25.74 39.45
N SER C 1 -18.30 29.34 -48.62
CA SER C 1 -17.80 28.57 -47.51
C SER C 1 -16.34 28.25 -47.85
N ASN C 2 -15.55 27.93 -46.81
CA ASN C 2 -14.09 27.78 -46.96
C ASN C 2 -13.51 26.39 -46.76
N LEU C 3 -12.29 26.18 -47.24
CA LEU C 3 -11.51 25.00 -46.88
C LEU C 3 -10.31 25.35 -46.03
N ALA C 4 -10.17 24.62 -44.92
CA ALA C 4 -9.03 24.78 -44.02
C ALA C 4 -8.39 23.41 -43.87
N ILE C 5 -7.06 23.42 -43.71
CA ILE C 5 -6.25 22.23 -43.56
C ILE C 5 -5.06 22.40 -42.55
N TYR C 6 -4.60 21.31 -41.94
CA TYR C 6 -3.50 21.39 -40.98
C TYR C 6 -2.22 20.89 -41.64
N TRP C 7 -1.16 21.68 -41.56
CA TRP C 7 0.18 21.22 -41.92
C TRP C 7 1.06 21.71 -40.80
N GLY C 8 2.09 20.95 -40.44
CA GLY C 8 3.06 21.54 -39.53
C GLY C 8 4.00 20.67 -38.76
N GLN C 9 3.74 19.35 -38.75
CA GLN C 9 4.53 18.39 -37.97
C GLN C 9 4.17 17.02 -38.44
N LEU C 14 6.76 16.65 -46.94
CA LEU C 14 6.68 17.53 -48.14
C LEU C 14 6.57 19.00 -47.72
N ARG C 15 7.31 19.90 -48.38
CA ARG C 15 7.38 21.29 -47.90
C ARG C 15 6.01 22.00 -48.04
N LEU C 16 5.83 23.08 -47.30
CA LEU C 16 4.58 23.87 -47.36
C LEU C 16 4.27 24.52 -48.73
N SER C 17 5.32 25.04 -49.39
CA SER C 17 5.21 25.72 -50.70
C SER C 17 4.34 24.84 -51.62
N HIS C 18 4.45 23.55 -51.40
CA HIS C 18 3.75 22.64 -52.25
C HIS C 18 2.20 22.65 -52.00
N PHE C 19 1.78 22.84 -50.74
CA PHE C 19 0.37 23.06 -50.44
C PHE C 19 0.00 24.53 -50.77
N CYS C 20 1.01 25.41 -50.78
CA CYS C 20 0.77 26.79 -51.24
C CYS C 20 0.37 26.76 -52.70
N GLN C 21 0.68 25.64 -53.34
CA GLN C 21 0.37 25.40 -54.74
C GLN C 21 -0.97 24.69 -54.95
N GLU C 22 -1.73 24.50 -53.88
CA GLU C 22 -3.03 23.86 -53.97
C GLU C 22 -4.14 24.91 -54.05
N THR C 23 -4.80 24.98 -55.19
CA THR C 23 -5.87 25.95 -55.40
C THR C 23 -6.93 25.88 -54.30
N SER C 24 -7.57 24.72 -54.17
CA SER C 24 -8.65 24.55 -53.18
C SER C 24 -8.42 25.16 -51.76
N LEU C 25 -7.19 25.18 -51.23
CA LEU C 25 -7.02 25.52 -49.79
C LEU C 25 -7.11 27.01 -49.52
N ASP C 26 -7.89 27.37 -48.51
CA ASP C 26 -8.20 28.77 -48.23
C ASP C 26 -7.46 29.18 -46.95
N ILE C 27 -7.28 28.20 -46.05
CA ILE C 27 -6.69 28.45 -44.70
C ILE C 27 -5.77 27.28 -44.35
N ILE C 28 -4.55 27.59 -43.94
CA ILE C 28 -3.61 26.55 -43.63
C ILE C 28 -3.09 26.91 -42.24
N ASN C 29 -3.31 25.98 -41.31
CA ASN C 29 -2.84 26.05 -39.96
C ASN C 29 -1.58 25.21 -39.81
N ILE C 30 -0.50 25.80 -39.29
CA ILE C 30 0.77 25.11 -39.06
C ILE C 30 0.86 24.72 -37.58
N PHE C 32 3.18 22.81 -34.93
CA PHE C 32 2.50 23.25 -33.71
C PHE C 32 3.41 24.00 -32.75
N ILE C 33 3.05 25.23 -32.43
CA ILE C 33 3.83 26.05 -31.52
C ILE C 33 4.26 25.25 -30.29
N ASN C 34 4.09 23.94 -30.36
CA ASN C 34 4.46 23.06 -29.26
C ASN C 34 5.93 23.21 -28.86
N SER C 70 14.72 31.33 -34.10
CA SER C 70 15.45 32.40 -34.76
C SER C 70 15.30 32.47 -36.30
N GLN C 74 13.18 28.45 -44.69
CA GLN C 74 12.20 27.55 -45.30
C GLN C 74 10.71 27.78 -44.93
N ILE C 75 10.56 28.59 -43.89
CA ILE C 75 9.33 29.07 -43.42
C ILE C 75 9.28 30.41 -44.06
N MET C 76 10.30 31.27 -43.81
CA MET C 76 10.18 32.67 -44.25
C MET C 76 10.00 32.66 -45.76
N GLU C 77 10.02 31.45 -46.32
CA GLU C 77 10.13 31.28 -47.77
C GLU C 77 8.81 30.76 -48.24
N ASP C 78 8.38 29.59 -47.72
CA ASP C 78 7.06 28.98 -48.01
C ASP C 78 5.81 29.67 -47.50
N ILE C 79 5.88 30.29 -46.32
CA ILE C 79 4.72 31.05 -45.82
C ILE C 79 4.15 32.16 -46.78
N PRO C 80 4.97 33.14 -47.19
CA PRO C 80 4.50 34.30 -48.04
C PRO C 80 4.00 33.93 -49.45
N ILE C 81 4.53 32.83 -49.99
CA ILE C 81 3.97 32.12 -51.17
C ILE C 81 2.51 31.68 -51.01
N CYS C 82 2.16 31.27 -49.78
CA CYS C 82 0.77 30.88 -49.42
C CYS C 82 -0.10 32.13 -49.26
N GLN C 83 0.50 33.20 -48.76
CA GLN C 83 -0.22 34.47 -48.62
C GLN C 83 -0.37 35.26 -49.93
N ALA C 84 0.67 35.23 -50.78
CA ALA C 84 0.67 35.83 -52.11
C ALA C 84 -0.24 35.05 -53.07
N ALA C 85 -0.77 33.93 -52.58
CA ALA C 85 -1.79 33.14 -53.27
C ALA C 85 -3.14 33.22 -52.57
N GLY C 86 -3.39 34.32 -51.89
CA GLY C 86 -4.70 34.57 -51.22
C GLY C 86 -4.99 33.77 -49.94
N LYS C 87 -4.09 32.88 -49.54
CA LYS C 87 -4.39 31.99 -48.43
C LYS C 87 -3.98 32.58 -47.08
N LYS C 88 -4.69 32.15 -46.04
CA LYS C 88 -4.42 32.61 -44.68
C LYS C 88 -3.56 31.62 -43.92
N VAL C 89 -2.41 32.07 -43.44
CA VAL C 89 -1.49 31.23 -42.70
C VAL C 89 -1.63 31.45 -41.19
N LEU C 90 -2.42 30.61 -40.53
CA LEU C 90 -2.64 30.73 -39.13
C LEU C 90 -1.60 29.88 -38.46
N LEU C 91 -1.08 30.31 -37.31
CA LEU C 91 -0.13 29.45 -36.57
C LEU C 91 -0.83 28.70 -35.44
N SER C 92 -0.65 27.36 -35.44
CA SER C 92 -1.43 26.52 -34.52
C SER C 92 -0.79 26.27 -33.16
N ILE C 93 -1.49 26.68 -32.11
CA ILE C 93 -1.00 26.51 -30.75
C ILE C 93 -1.82 25.46 -30.00
N GLY C 94 -1.35 24.22 -30.04
CA GLY C 94 -0.13 23.88 -30.75
C GLY C 94 0.12 22.39 -30.82
N GLY C 95 -0.75 21.62 -30.16
CA GLY C 95 -0.63 20.18 -30.14
C GLY C 95 -1.95 19.49 -29.88
N ASP C 100 2.41 21.81 -23.06
CA ASP C 100 1.87 21.71 -21.72
C ASP C 100 2.06 23.02 -20.95
N GLN C 101 1.86 24.14 -21.64
CA GLN C 101 2.02 25.46 -21.02
C GLN C 101 0.66 26.09 -20.74
N SER C 102 0.08 25.76 -19.60
CA SER C 102 -1.22 26.29 -19.21
C SER C 102 -1.02 27.65 -18.60
N ILE C 103 -1.40 28.69 -19.34
CA ILE C 103 -1.21 30.06 -18.92
C ILE C 103 -1.83 30.14 -17.52
N LEU C 104 -1.04 30.44 -16.49
CA LEU C 104 -1.53 30.35 -15.11
C LEU C 104 -1.94 31.73 -14.55
N SER C 105 -2.12 32.73 -15.42
CA SER C 105 -2.50 34.06 -14.94
C SER C 105 -3.00 35.04 -15.98
N GLU C 106 -4.11 35.72 -15.64
CA GLU C 106 -4.71 36.86 -16.40
C GLU C 106 -3.79 38.11 -16.63
N VAL C 110 -1.55 35.70 -21.08
CA VAL C 110 -0.60 36.65 -20.51
C VAL C 110 0.63 36.77 -21.41
N ALA C 111 1.69 36.19 -20.90
CA ALA C 111 2.96 36.19 -21.53
C ALA C 111 2.97 35.61 -22.95
N PHE C 112 1.96 36.01 -23.76
CA PHE C 112 1.73 35.49 -25.12
C PHE C 112 1.05 36.33 -26.18
N ALA C 113 -0.27 36.36 -26.22
CA ALA C 113 -0.88 37.16 -27.25
C ALA C 113 0.09 38.30 -27.73
N PHE C 115 3.54 38.01 -26.37
CA PHE C 115 4.88 37.85 -26.87
C PHE C 115 4.82 37.95 -28.36
N LEU C 116 3.96 37.11 -28.96
CA LEU C 116 4.10 36.75 -30.37
C LEU C 116 3.87 37.97 -31.24
N TRP C 117 2.71 38.60 -31.06
CA TRP C 117 2.29 39.64 -32.02
C TRP C 117 3.35 40.64 -32.64
N GLY C 118 4.44 40.91 -31.93
CA GLY C 118 5.44 41.84 -32.47
C GLY C 118 6.21 40.95 -33.40
N ALA C 119 6.83 39.94 -32.76
CA ALA C 119 7.53 38.84 -33.40
C ALA C 119 6.80 38.29 -34.67
N PHE C 120 5.83 37.35 -34.49
CA PHE C 120 5.15 36.64 -35.59
C PHE C 120 4.14 37.61 -36.15
N GLY C 121 4.47 38.89 -36.14
CA GLY C 121 3.42 39.89 -36.37
C GLY C 121 3.92 41.00 -37.23
N PHE C 133 10.45 34.68 -38.22
CA PHE C 133 10.41 34.68 -39.75
C PHE C 133 10.62 36.08 -40.42
N GLY C 134 11.63 36.82 -40.01
CA GLY C 134 11.92 37.97 -40.83
C GLY C 134 10.75 38.93 -40.91
N ASP C 135 10.36 39.33 -42.10
CA ASP C 135 9.20 40.24 -42.18
C ASP C 135 7.91 39.46 -42.11
N VAL C 136 8.04 38.14 -41.97
CA VAL C 136 6.91 37.17 -42.24
C VAL C 136 5.81 37.42 -41.27
N VAL C 137 4.80 38.17 -41.69
CA VAL C 137 3.72 38.53 -40.77
C VAL C 137 2.46 37.67 -40.98
N VAL C 138 2.63 36.37 -40.74
CA VAL C 138 1.54 35.39 -40.53
C VAL C 138 0.25 35.98 -40.08
N ASP C 139 -0.83 35.24 -40.31
CA ASP C 139 -2.20 35.80 -40.36
C ASP C 139 -3.03 35.73 -39.08
N GLY C 140 -2.50 35.06 -38.10
CA GLY C 140 -3.17 35.03 -36.84
C GLY C 140 -2.73 33.76 -36.18
N PHE C 141 -3.55 33.28 -35.25
CA PHE C 141 -3.22 32.12 -34.41
C PHE C 141 -4.43 31.14 -34.28
N ASP C 142 -4.12 29.86 -34.08
CA ASP C 142 -5.11 28.75 -34.01
C ASP C 142 -4.83 27.96 -32.75
N PHE C 143 -5.92 27.64 -32.06
CA PHE C 143 -5.93 27.12 -30.74
C PHE C 143 -6.48 25.69 -30.89
N ASP C 144 -5.59 24.72 -30.72
CA ASP C 144 -5.88 23.31 -30.89
C ASP C 144 -5.47 22.68 -29.59
N ILE C 145 -6.15 23.09 -28.54
CA ILE C 145 -5.83 22.67 -27.16
C ILE C 145 -6.63 21.36 -26.93
N GLU C 146 -5.95 20.28 -26.55
CA GLU C 146 -6.60 18.97 -26.33
C GLU C 146 -6.29 18.36 -24.95
N GLY C 150 -9.40 25.33 -20.47
CA GLY C 150 -9.63 25.99 -19.20
C GLY C 150 -9.38 27.48 -19.27
N PHE C 151 -8.50 27.97 -18.38
CA PHE C 151 -8.17 29.39 -18.35
C PHE C 151 -7.02 29.70 -19.29
N GLY C 152 -6.66 30.98 -19.38
CA GLY C 152 -5.57 31.42 -20.25
C GLY C 152 -6.09 31.66 -21.63
N TYR C 153 -6.62 30.62 -22.25
CA TYR C 153 -7.03 30.73 -23.64
C TYR C 153 -7.95 31.90 -23.90
N ALA C 154 -8.78 32.25 -22.92
CA ALA C 154 -9.63 33.41 -23.13
C ALA C 154 -8.75 34.67 -23.15
N THR C 155 -8.14 34.97 -22.01
CA THR C 155 -7.27 36.13 -21.89
C THR C 155 -6.30 36.21 -23.07
N MET C 156 -5.68 35.08 -23.39
CA MET C 156 -4.73 35.02 -24.50
C MET C 156 -5.36 35.55 -25.78
N VAL C 157 -6.60 35.13 -26.04
CA VAL C 157 -7.31 35.58 -27.22
C VAL C 157 -7.68 37.03 -27.14
N ASN C 158 -8.05 37.53 -25.96
CA ASN C 158 -8.68 38.85 -25.81
C ASN C 158 -7.82 40.07 -26.23
N THR C 159 -6.52 40.06 -25.95
CA THR C 159 -5.79 41.32 -26.17
C THR C 159 -5.29 41.36 -27.60
N PHE C 160 -4.71 40.22 -28.02
CA PHE C 160 -4.54 39.90 -29.45
C PHE C 160 -5.48 40.82 -30.20
N ARG C 161 -6.78 40.71 -29.91
CA ARG C 161 -7.83 41.51 -30.59
C ARG C 161 -7.59 43.02 -30.77
N ARG C 170 -4.88 45.76 -40.51
CA ARG C 170 -4.75 44.62 -41.39
C ARG C 170 -5.51 43.45 -40.78
N LYS C 171 -6.29 42.76 -41.60
CA LYS C 171 -7.09 41.64 -41.09
C LYS C 171 -6.13 40.55 -40.59
N PHE C 172 -6.11 40.39 -39.28
CA PHE C 172 -5.65 39.16 -38.57
C PHE C 172 -6.84 38.33 -38.07
N TYR C 173 -6.54 37.10 -37.59
CA TYR C 173 -7.54 36.01 -37.39
C TYR C 173 -7.18 35.04 -36.26
N LEU C 174 -8.22 34.63 -35.52
CA LEU C 174 -8.13 33.57 -34.49
C LEU C 174 -9.22 32.51 -34.62
N SER C 175 -8.86 31.32 -34.16
CA SER C 175 -9.69 30.16 -34.37
C SER C 175 -9.41 29.18 -33.25
N ALA C 176 -10.38 28.30 -33.00
CA ALA C 176 -10.25 27.24 -32.01
C ALA C 176 -10.48 25.94 -32.76
N ALA C 177 -10.03 24.80 -32.24
CA ALA C 177 -10.31 23.48 -32.86
C ALA C 177 -10.86 22.43 -31.89
N PRO C 178 -12.02 22.71 -31.28
CA PRO C 178 -12.61 21.79 -30.30
C PRO C 178 -13.04 20.42 -30.87
N GLN C 179 -13.26 19.47 -29.96
CA GLN C 179 -13.80 18.16 -30.31
C GLN C 179 -15.29 18.30 -30.05
N CYS C 180 -16.07 17.33 -30.49
CA CYS C 180 -17.52 17.50 -30.53
C CYS C 180 -18.28 17.47 -29.19
N ILE C 181 -17.83 16.73 -28.18
CA ILE C 181 -18.59 16.72 -26.90
C ILE C 181 -18.73 18.14 -26.35
N ILE C 182 -19.95 18.45 -25.94
CA ILE C 182 -20.28 19.73 -25.32
C ILE C 182 -20.48 19.38 -23.83
N PRO C 183 -19.84 20.14 -22.92
CA PRO C 183 -18.85 21.18 -23.19
C PRO C 183 -17.46 20.61 -23.53
N ASP C 184 -16.75 21.29 -24.43
CA ASP C 184 -15.34 20.99 -24.61
C ASP C 184 -14.52 21.51 -23.44
N ALA C 185 -13.74 20.60 -22.82
CA ALA C 185 -13.10 20.84 -21.50
C ALA C 185 -11.87 21.79 -21.57
N GLN C 186 -11.15 21.69 -22.69
CA GLN C 186 -10.10 22.59 -23.17
C GLN C 186 -10.52 23.99 -23.68
N LEU C 187 -11.65 24.11 -24.42
CA LEU C 187 -12.03 25.40 -25.11
C LEU C 187 -13.43 26.01 -24.89
N SER C 188 -14.37 25.25 -24.31
CA SER C 188 -15.64 25.83 -23.87
C SER C 188 -15.49 27.25 -23.31
N ASP C 189 -14.60 27.44 -22.33
CA ASP C 189 -14.42 28.76 -21.73
C ASP C 189 -13.90 29.81 -22.71
N ALA C 190 -12.85 29.50 -23.49
CA ALA C 190 -12.36 30.42 -24.54
C ALA C 190 -13.42 30.89 -25.54
N ILE C 191 -14.23 29.93 -25.99
CA ILE C 191 -15.25 30.11 -27.01
C ILE C 191 -16.34 31.01 -26.44
N PHE C 192 -16.78 30.78 -25.21
CA PHE C 192 -17.80 31.67 -24.60
C PHE C 192 -17.28 33.09 -24.27
N ASN C 193 -16.10 33.21 -23.66
CA ASN C 193 -15.66 34.52 -23.13
C ASN C 193 -14.66 35.34 -24.00
N ALA C 194 -14.17 34.72 -25.09
CA ALA C 194 -13.42 35.47 -26.11
C ALA C 194 -13.84 35.13 -27.55
N ALA C 195 -13.43 35.97 -28.49
CA ALA C 195 -13.90 35.97 -29.89
C ALA C 195 -13.05 35.19 -30.89
N PHE C 196 -13.66 34.23 -31.60
CA PHE C 196 -12.96 33.56 -32.69
C PHE C 196 -13.58 33.91 -34.04
N ASP C 197 -12.70 34.09 -35.01
CA ASP C 197 -13.06 34.22 -36.42
C ASP C 197 -13.55 32.89 -37.00
N PHE C 198 -12.82 31.81 -36.74
CA PHE C 198 -13.16 30.49 -37.25
C PHE C 198 -13.19 29.54 -36.10
N ILE C 199 -14.10 28.58 -36.14
CA ILE C 199 -14.11 27.49 -35.17
C ILE C 199 -14.28 26.14 -35.87
N TRP C 200 -13.31 25.26 -35.74
CA TRP C 200 -13.40 24.00 -36.46
C TRP C 200 -13.57 22.84 -35.49
N ILE C 201 -14.75 22.21 -35.59
CA ILE C 201 -15.04 21.10 -34.71
C ILE C 201 -14.41 19.89 -35.26
N GLN C 202 -13.55 19.31 -34.45
CA GLN C 202 -12.92 18.06 -34.76
C GLN C 202 -13.91 16.95 -34.49
N TYR C 203 -14.56 16.52 -35.57
CA TYR C 203 -15.46 15.37 -35.52
C TYR C 203 -14.80 13.96 -35.70
N TYR C 204 -13.82 13.61 -34.88
CA TYR C 204 -13.16 12.30 -34.94
C TYR C 204 -12.41 12.28 -33.66
N ASN C 205 -12.30 11.11 -32.97
CA ASN C 205 -11.44 10.90 -31.75
C ASN C 205 -11.89 11.33 -30.34
N ALA C 207 -15.47 7.98 -29.77
CA ALA C 207 -16.65 7.14 -30.00
C ALA C 207 -17.85 8.05 -29.88
N ALA C 208 -18.16 8.41 -28.63
CA ALA C 208 -19.08 9.49 -28.34
C ALA C 208 -19.80 10.05 -29.58
N CYS C 209 -19.30 11.10 -30.20
CA CYS C 209 -20.10 11.79 -31.27
C CYS C 209 -19.42 11.81 -32.67
N SER C 210 -18.32 11.05 -32.81
CA SER C 210 -17.38 11.29 -33.93
C SER C 210 -18.13 11.81 -35.17
N LYS C 212 -17.33 10.23 -38.79
CA LYS C 212 -17.72 8.83 -38.99
C LYS C 212 -19.15 8.57 -38.54
N SER C 213 -19.39 8.76 -37.23
CA SER C 213 -20.61 8.32 -36.55
C SER C 213 -21.83 9.26 -36.72
N PHE C 214 -22.23 9.40 -37.98
CA PHE C 214 -23.52 9.99 -38.35
C PHE C 214 -23.91 9.56 -39.77
N GLY C 220 -23.08 6.97 -31.86
CA GLY C 220 -23.41 8.34 -31.40
C GLY C 220 -24.51 9.18 -32.05
N THR C 221 -24.45 10.50 -31.80
CA THR C 221 -25.49 11.47 -32.20
C THR C 221 -24.97 12.70 -32.98
N ASN C 223 -23.77 16.20 -33.99
CA ASN C 223 -24.30 17.12 -32.94
C ASN C 223 -24.06 18.62 -33.20
N PHE C 224 -23.99 19.00 -34.47
CA PHE C 224 -23.66 20.35 -34.95
C PHE C 224 -24.68 21.43 -34.68
N ASP C 225 -25.96 21.01 -34.60
CA ASP C 225 -27.10 21.89 -34.27
C ASP C 225 -26.87 22.55 -32.92
N ALA C 226 -26.46 21.74 -31.94
CA ALA C 226 -26.26 22.22 -30.58
C ALA C 226 -25.09 23.17 -30.50
N TRP C 227 -24.12 23.02 -31.40
CA TRP C 227 -22.96 23.89 -31.47
C TRP C 227 -23.37 25.28 -32.01
N VAL C 228 -24.26 25.31 -32.99
CA VAL C 228 -24.71 26.60 -33.46
C VAL C 228 -25.37 27.42 -32.31
N THR C 229 -26.18 26.70 -31.55
CA THR C 229 -26.96 27.27 -30.48
C THR C 229 -25.99 27.76 -29.42
N VAL C 230 -24.93 26.97 -29.22
CA VAL C 230 -23.92 27.23 -28.22
C VAL C 230 -23.01 28.42 -28.61
N LEU C 231 -23.04 28.83 -29.87
CA LEU C 231 -22.22 29.94 -30.34
C LEU C 231 -23.08 31.17 -30.64
N LYS C 232 -24.38 31.06 -30.37
CA LYS C 232 -25.31 32.16 -30.59
C LYS C 232 -24.95 33.37 -29.74
N SER C 234 -22.72 33.09 -27.09
CA SER C 234 -21.28 33.30 -26.82
C SER C 234 -20.72 34.58 -27.45
N ALA C 235 -19.58 35.03 -26.91
CA ALA C 235 -18.69 36.03 -27.50
C ALA C 235 -18.27 35.79 -28.95
N SER C 236 -18.24 34.52 -29.35
CA SER C 236 -17.84 34.11 -30.68
C SER C 236 -19.04 34.02 -31.66
N LYS C 237 -20.12 34.74 -31.38
CA LYS C 237 -21.35 34.64 -32.14
C LYS C 237 -21.11 34.77 -33.63
N ASP C 238 -20.26 35.72 -34.01
CA ASP C 238 -19.96 35.97 -35.41
C ASP C 238 -18.85 35.07 -35.93
N ALA C 239 -18.70 33.89 -35.33
CA ALA C 239 -17.67 32.98 -35.80
C ALA C 239 -18.25 32.12 -36.88
N LYS C 240 -17.42 31.82 -37.86
CA LYS C 240 -17.72 30.81 -38.85
C LYS C 240 -17.41 29.40 -38.35
N LEU C 241 -18.45 28.54 -38.34
CA LEU C 241 -18.32 27.17 -37.81
C LEU C 241 -17.97 26.14 -38.88
N TYR C 242 -16.81 25.48 -38.72
CA TYR C 242 -16.36 24.43 -39.66
C TYR C 242 -16.67 22.99 -39.19
N VAL C 243 -16.89 22.10 -40.16
CA VAL C 243 -16.85 20.64 -39.92
C VAL C 243 -15.40 20.14 -40.13
N GLY C 244 -14.77 19.74 -39.02
CA GLY C 244 -13.39 19.32 -38.97
C GLY C 244 -13.21 17.84 -39.18
N LEU C 245 -13.04 17.45 -40.43
CA LEU C 245 -12.75 16.07 -40.87
C LEU C 245 -11.27 15.65 -40.85
N ALA C 247 -9.11 13.13 -43.13
CA ALA C 247 -8.01 13.40 -44.06
C ALA C 247 -7.12 12.16 -44.34
N SER C 248 -6.32 11.71 -43.34
CA SER C 248 -5.67 10.36 -43.35
C SER C 248 -5.90 9.49 -42.09
N GLU C 249 -5.73 8.19 -42.30
CA GLU C 249 -6.09 7.14 -41.36
C GLU C 249 -5.22 7.13 -40.12
N THR C 250 -3.91 7.35 -40.31
CA THR C 250 -3.01 7.56 -39.14
C THR C 250 -3.12 8.99 -38.62
N TYR C 256 -11.85 5.97 -37.67
CA TYR C 256 -12.98 5.88 -38.58
C TYR C 256 -12.93 6.99 -39.63
N TYR C 257 -12.21 6.76 -40.70
CA TYR C 257 -12.09 7.74 -41.78
C TYR C 257 -13.46 8.13 -42.31
N LEU C 258 -13.62 8.07 -43.64
CA LEU C 258 -14.89 8.42 -44.27
C LEU C 258 -15.10 9.92 -44.31
N THR C 259 -14.95 10.51 -45.49
CA THR C 259 -14.60 9.78 -46.70
C THR C 259 -15.03 10.55 -47.94
N PRO C 260 -14.46 10.19 -49.09
CA PRO C 260 -14.82 10.83 -50.35
C PRO C 260 -16.29 10.61 -50.68
N ASP C 261 -16.87 9.55 -50.12
CA ASP C 261 -18.27 9.24 -50.32
C ASP C 261 -19.00 9.29 -48.99
N GLU C 262 -18.28 8.91 -47.93
CA GLU C 262 -18.77 9.12 -46.57
C GLU C 262 -18.80 10.61 -46.13
N VAL C 263 -18.09 11.49 -46.84
CA VAL C 263 -18.10 12.94 -46.53
C VAL C 263 -19.33 13.68 -47.06
N GLU C 264 -19.47 13.75 -48.38
CA GLU C 264 -20.61 14.42 -48.99
C GLU C 264 -21.92 13.96 -48.37
N SER C 265 -21.89 12.81 -47.71
CA SER C 265 -23.08 12.26 -47.06
C SER C 265 -23.36 12.96 -45.74
N LEU C 266 -22.46 13.85 -45.34
CA LEU C 266 -22.61 14.60 -44.06
C LEU C 266 -22.85 16.08 -44.31
N VAL C 267 -22.06 16.65 -45.23
CA VAL C 267 -21.99 18.11 -45.48
C VAL C 267 -23.22 18.61 -46.24
N SER C 268 -23.95 17.71 -46.89
CA SER C 268 -25.28 18.03 -47.47
C SER C 268 -26.34 18.21 -46.39
N THR C 269 -26.57 17.16 -45.61
CA THR C 269 -27.52 17.15 -44.46
C THR C 269 -27.52 18.44 -43.62
N TYR C 270 -26.33 18.95 -43.27
CA TYR C 270 -26.12 20.16 -42.42
C TYR C 270 -25.81 21.48 -43.14
N MET C 271 -25.48 21.41 -44.42
CA MET C 271 -25.24 22.63 -45.22
C MET C 271 -26.55 23.17 -45.84
N ASP C 272 -27.28 22.30 -46.56
CA ASP C 272 -28.65 22.63 -47.02
C ASP C 272 -29.65 21.49 -46.74
N TYR C 274 -29.06 25.54 -41.21
CA TYR C 274 -27.97 26.51 -41.34
C TYR C 274 -27.18 26.31 -42.63
N PRO C 275 -27.46 27.19 -43.60
CA PRO C 275 -26.53 27.68 -44.60
C PRO C 275 -26.31 29.23 -44.45
N ASP C 276 -25.73 29.62 -43.30
CA ASP C 276 -25.17 30.98 -43.07
C ASP C 276 -24.30 31.04 -41.79
N THR C 277 -24.12 29.88 -41.17
CA THR C 277 -23.15 29.69 -40.10
C THR C 277 -22.10 28.70 -40.57
N PHE C 278 -22.45 27.82 -41.51
CA PHE C 278 -21.51 26.81 -42.03
C PHE C 278 -20.37 27.54 -42.69
N GLY C 279 -19.23 27.52 -42.00
CA GLY C 279 -18.05 28.19 -42.46
C GLY C 279 -17.39 27.37 -43.55
N GLY C 280 -17.57 26.05 -43.51
CA GLY C 280 -16.89 25.15 -44.45
C GLY C 280 -16.40 23.84 -43.85
N ILE C 281 -15.22 23.42 -44.26
CA ILE C 281 -14.67 22.14 -43.90
C ILE C 281 -13.24 22.36 -43.48
N MET C 282 -12.85 21.70 -42.38
CA MET C 282 -11.46 21.62 -41.93
C MET C 282 -10.99 20.17 -42.06
N LEU C 283 -9.68 19.94 -42.15
CA LEU C 283 -9.08 18.59 -42.35
C LEU C 283 -7.80 18.36 -41.55
N TRP C 284 -7.66 17.20 -40.90
CA TRP C 284 -6.36 16.75 -40.36
C TRP C 284 -5.77 15.54 -41.14
N GLU C 285 -4.70 15.75 -41.91
CA GLU C 285 -4.17 17.06 -42.19
C GLU C 285 -3.58 17.13 -43.61
N SER C 289 -4.17 13.17 -46.55
CA SER C 289 -4.72 13.86 -47.71
C SER C 289 -3.77 14.00 -48.89
N GLU C 290 -2.47 14.02 -48.63
CA GLU C 290 -1.50 14.15 -49.73
C GLU C 290 -1.22 12.76 -50.27
N ASN C 291 -0.21 12.11 -49.70
CA ASN C 291 0.17 10.71 -49.96
C ASN C 291 -1.03 9.76 -50.08
N ASN C 292 -2.08 10.01 -49.30
CA ASN C 292 -3.32 9.23 -49.39
C ASN C 292 -4.19 9.65 -50.59
N GLN C 293 -3.63 9.41 -51.78
CA GLN C 293 -4.20 9.93 -53.05
C GLN C 293 -5.44 9.19 -53.51
N ILE C 294 -6.56 9.92 -53.66
CA ILE C 294 -7.81 9.33 -54.19
C ILE C 294 -7.92 9.63 -55.68
N PRO C 298 -5.58 14.87 -54.75
CA PRO C 298 -5.75 14.89 -53.28
C PRO C 298 -7.15 14.84 -52.68
N TYR C 299 -7.24 14.23 -51.50
CA TYR C 299 -8.50 14.21 -50.75
C TYR C 299 -9.03 15.63 -50.60
N ALA C 300 -8.23 16.51 -50.01
CA ALA C 300 -8.61 17.93 -49.86
C ALA C 300 -9.17 18.46 -51.17
N ASP C 301 -8.65 17.92 -52.27
CA ASP C 301 -9.09 18.28 -53.61
C ASP C 301 -10.51 17.82 -53.85
N HIS C 302 -10.80 16.55 -53.62
CA HIS C 302 -12.18 16.07 -53.62
C HIS C 302 -12.99 16.79 -52.53
N MET C 303 -12.40 17.06 -51.36
CA MET C 303 -13.18 17.74 -50.28
C MET C 303 -13.78 19.12 -50.73
N LYS C 304 -13.18 19.77 -51.74
CA LYS C 304 -13.53 21.14 -52.19
C LYS C 304 -14.40 21.24 -53.47
N ASP C 305 -14.34 20.22 -54.34
CA ASP C 305 -15.27 20.06 -55.48
C ASP C 305 -16.72 20.26 -55.03
#